data_2CSD
#
_entry.id   2CSD
#
_cell.length_a   75.500
_cell.length_b   86.400
_cell.length_c   175.700
_cell.angle_alpha   90.00
_cell.angle_beta   90.00
_cell.angle_gamma   90.00
#
_symmetry.space_group_name_H-M   'P 21 21 21'
#
_entity_poly.entity_id   1
_entity_poly.type   'polypeptide(L)'
_entity_poly.pdbx_seq_one_letter_code
;MALVYDAEFVGSEREFEEERETFLKGVKAYDGVLATRYLMERSSSAKNDEELLELHQNFILLTGSYACSIDPTEDRYQNV
IVRGVNFDERVQRLSTGGSPARYAIVYRRGWRAIAKALDIDEEDVPAIEVRAVKRNPLQPALYRILVRYGRVDLMPVTVD
EVPPEMAGEFERLIERYDVPIDEKEERILEILRENPWTPHDEIARRLGLSVSEVEGEKDPESSGIYSLWSRVVVNIEYDE
RTAKRHVKRRDRLLEELYEHLEELSERYLRHPLTRRWIVEHKRDIMRRYLEQRIVECALKLQDRYGIREDVALCLARAFD
GSISMIATTPYRTLKDVCPDLTLEEAKSVNRTLATLIDEHGLSPDAADELIEHFESIAGILATDLEEIERMYEEGRLSEE
AYRAAVEIQLAELTKKEGVGRKTAERLLRAFGNPERVKQLAREFEIEKLASVEGVGERVLRSLVPGYASLISIRGIDRER
AERLLKKYGGYSKVREAGVEELREDGLTDAQIRELKGLK
;
_entity_poly.pdbx_strand_id   A,B
#
# COMPACT_ATOMS: atom_id res chain seq x y z
N LEU A 3 4.05 10.09 31.62
CA LEU A 3 4.48 8.98 30.70
C LEU A 3 4.05 9.28 29.27
N VAL A 4 5.00 9.21 28.34
CA VAL A 4 4.80 9.64 26.95
C VAL A 4 3.80 8.76 26.19
N TYR A 5 2.87 9.44 25.50
CA TYR A 5 2.01 8.83 24.49
C TYR A 5 2.15 9.69 23.25
N ASP A 6 2.39 9.10 22.08
CA ASP A 6 2.60 9.86 20.83
C ASP A 6 2.66 9.02 19.55
N ALA A 7 2.26 9.63 18.43
CA ALA A 7 2.37 9.01 17.10
C ALA A 7 2.46 10.05 15.97
N GLU A 8 2.87 9.61 14.78
CA GLU A 8 3.08 10.48 13.63
C GLU A 8 2.41 9.93 12.36
N PHE A 9 1.59 10.74 11.70
CA PHE A 9 0.90 10.32 10.49
C PHE A 9 1.70 10.61 9.23
N VAL A 10 1.95 9.57 8.43
CA VAL A 10 2.76 9.68 7.20
C VAL A 10 2.02 9.28 5.90
N GLY A 11 0.70 9.10 6.00
CA GLY A 11 -0.14 8.78 4.83
C GLY A 11 -0.53 10.01 4.04
N SER A 12 -1.29 9.81 2.96
CA SER A 12 -1.67 10.89 2.06
C SER A 12 -2.75 11.79 2.64
N GLU A 13 -2.90 12.98 2.07
CA GLU A 13 -3.94 13.93 2.49
C GLU A 13 -5.32 13.30 2.49
N ARG A 14 -5.65 12.52 1.45
CA ARG A 14 -6.94 11.88 1.37
C ARG A 14 -7.10 10.76 2.39
N GLU A 15 -6.03 9.99 2.58
CA GLU A 15 -5.97 8.91 3.59
C GLU A 15 -6.15 9.44 5.00
N PHE A 16 -5.67 10.66 5.22
CA PHE A 16 -5.75 11.32 6.52
C PHE A 16 -7.21 11.55 6.94
N GLU A 17 -8.03 12.08 6.04
CA GLU A 17 -9.43 12.36 6.36
C GLU A 17 -10.24 11.08 6.59
N GLU A 18 -9.94 10.05 5.80
CA GLU A 18 -10.56 8.74 5.95
C GLU A 18 -10.41 8.16 7.35
N GLU A 19 -9.20 8.26 7.91
CA GLU A 19 -8.89 7.71 9.24
C GLU A 19 -9.63 8.39 10.40
N ARG A 20 -9.81 9.71 10.29
CA ARG A 20 -10.54 10.48 11.32
C ARG A 20 -12.03 10.14 11.36
N GLU A 21 -12.61 9.92 10.17
CA GLU A 21 -13.99 9.45 10.05
C GLU A 21 -14.21 8.16 10.83
N THR A 22 -13.26 7.22 10.66
CA THR A 22 -13.30 5.97 11.40
C THR A 22 -13.13 6.16 12.92
N PHE A 23 -12.08 6.87 13.33
CA PHE A 23 -11.81 7.06 14.75
C PHE A 23 -12.99 7.70 15.49
N LEU A 24 -13.50 8.80 14.96
CA LEU A 24 -14.62 9.52 15.58
C LEU A 24 -15.89 8.70 15.76
N LYS A 25 -16.17 7.80 14.81
CA LYS A 25 -17.30 6.88 14.95
C LYS A 25 -17.10 5.91 16.11
N GLY A 26 -15.87 5.38 16.24
CA GLY A 26 -15.52 4.44 17.33
C GLY A 26 -15.68 5.03 18.71
N VAL A 27 -15.39 6.33 18.83
CA VAL A 27 -15.59 7.09 20.07
C VAL A 27 -17.08 7.21 20.36
N LYS A 28 -17.87 7.43 19.31
CA LYS A 28 -19.32 7.53 19.43
C LYS A 28 -19.90 6.19 19.89
N ALA A 29 -19.35 5.10 19.37
CA ALA A 29 -19.72 3.75 19.78
C ALA A 29 -19.33 3.41 21.23
N TYR A 30 -18.08 3.72 21.62
CA TYR A 30 -17.63 3.47 22.98
C TYR A 30 -18.36 4.29 24.06
N ASP A 31 -18.83 5.48 23.70
CA ASP A 31 -19.66 6.30 24.61
C ASP A 31 -20.98 5.62 24.92
N GLY A 32 -21.48 4.84 23.97
CA GLY A 32 -22.61 3.94 24.19
C GLY A 32 -22.31 2.96 25.33
N VAL A 33 -21.22 2.22 25.20
CA VAL A 33 -20.80 1.26 26.24
C VAL A 33 -20.75 1.89 27.63
N LEU A 34 -20.33 3.15 27.72
CA LEU A 34 -20.21 3.84 29.00
C LEU A 34 -21.54 4.31 29.59
N ALA A 35 -22.39 4.86 28.73
CA ALA A 35 -23.70 5.37 29.15
C ALA A 35 -24.61 4.25 29.66
N THR A 36 -24.56 3.09 29.01
CA THR A 36 -25.32 1.93 29.45
C THR A 36 -24.85 1.42 30.82
N ARG A 37 -23.54 1.53 31.08
CA ARG A 37 -22.98 1.10 32.35
C ARG A 37 -23.41 2.03 33.49
N TYR A 38 -23.33 3.33 33.24
CA TYR A 38 -23.78 4.36 34.19
C TYR A 38 -25.21 4.07 34.62
N LEU A 39 -26.06 3.73 33.65
CA LEU A 39 -27.48 3.49 33.90
C LEU A 39 -27.74 2.29 34.82
N MET A 40 -27.03 1.17 34.58
CA MET A 40 -27.36 -0.05 35.31
C MET A 40 -26.83 -0.11 36.75
N GLU A 41 -25.75 0.60 37.03
CA GLU A 41 -25.26 0.70 38.41
C GLU A 41 -26.07 1.69 39.28
N ARG A 42 -27.10 2.29 38.68
CA ARG A 42 -28.01 3.18 39.38
C ARG A 42 -29.00 2.48 40.31
N SER A 43 -29.42 1.26 39.95
CA SER A 43 -30.39 0.52 40.75
C SER A 43 -30.36 -0.99 40.58
N SER A 44 -31.12 -1.64 41.45
CA SER A 44 -31.49 -3.06 41.38
C SER A 44 -32.12 -3.49 40.07
N SER A 45 -33.20 -2.78 39.71
CA SER A 45 -33.99 -3.10 38.53
C SER A 45 -33.21 -2.86 37.24
N ALA A 46 -32.44 -1.78 37.22
CA ALA A 46 -31.61 -1.41 36.08
C ALA A 46 -30.58 -2.49 35.77
N LYS A 47 -29.98 -3.06 36.81
CA LYS A 47 -28.97 -4.10 36.67
C LYS A 47 -29.57 -5.45 36.20
N ASN A 48 -30.90 -5.50 36.08
CA ASN A 48 -31.63 -6.73 35.77
C ASN A 48 -32.59 -6.59 34.58
N ASP A 49 -32.58 -5.40 33.97
CA ASP A 49 -33.41 -5.12 32.80
C ASP A 49 -32.77 -5.76 31.57
N GLU A 50 -33.48 -6.73 30.98
CA GLU A 50 -32.97 -7.53 29.86
C GLU A 50 -32.66 -6.75 28.57
N GLU A 51 -33.56 -5.87 28.17
CA GLU A 51 -33.31 -5.06 26.97
C GLU A 51 -32.16 -4.08 27.17
N LEU A 52 -31.81 -3.83 28.42
CA LEU A 52 -30.67 -2.98 28.76
C LEU A 52 -29.33 -3.69 28.56
N LEU A 53 -29.23 -4.95 29.00
CA LEU A 53 -28.00 -5.74 28.77
C LEU A 53 -27.74 -5.93 27.28
N GLU A 54 -28.82 -6.16 26.53
CA GLU A 54 -28.75 -6.46 25.12
C GLU A 54 -28.23 -5.26 24.32
N LEU A 55 -28.66 -4.06 24.72
CA LEU A 55 -28.22 -2.84 24.05
C LEU A 55 -26.74 -2.56 24.34
N HIS A 56 -26.38 -2.72 25.62
CA HIS A 56 -25.00 -2.63 26.09
C HIS A 56 -24.03 -3.40 25.19
N GLN A 57 -24.43 -4.61 24.81
CA GLN A 57 -23.59 -5.50 24.01
C GLN A 57 -23.43 -5.08 22.56
N ASN A 58 -24.50 -4.56 21.95
CA ASN A 58 -24.44 -4.10 20.57
C ASN A 58 -23.52 -2.90 20.38
N PHE A 59 -23.42 -2.07 21.42
CA PHE A 59 -22.44 -0.99 21.46
C PHE A 59 -21.01 -1.55 21.45
N ILE A 60 -20.78 -2.60 22.25
CA ILE A 60 -19.48 -3.26 22.33
C ILE A 60 -19.05 -3.81 20.97
N LEU A 61 -20.00 -4.41 20.25
CA LEU A 61 -19.73 -4.99 18.93
C LEU A 61 -19.32 -3.94 17.92
N LEU A 62 -20.04 -2.83 17.89
CA LEU A 62 -19.76 -1.73 16.98
C LEU A 62 -18.43 -1.04 17.29
N THR A 63 -18.14 -0.86 18.58
CA THR A 63 -16.83 -0.39 19.02
C THR A 63 -15.72 -1.25 18.36
N GLY A 64 -15.85 -2.57 18.47
CA GLY A 64 -14.91 -3.49 17.84
C GLY A 64 -14.80 -3.36 16.33
N SER A 65 -15.93 -3.12 15.67
CA SER A 65 -15.97 -3.06 14.20
C SER A 65 -15.15 -1.90 13.60
N TYR A 66 -15.32 -0.71 14.16
CA TYR A 66 -14.62 0.48 13.67
C TYR A 66 -13.13 0.41 13.94
N ALA A 67 -12.76 -0.22 15.06
CA ALA A 67 -11.36 -0.41 15.43
C ALA A 67 -10.61 -1.36 14.48
N CYS A 68 -11.33 -2.32 13.92
CA CYS A 68 -10.78 -3.21 12.88
C CYS A 68 -10.41 -2.43 11.61
N SER A 69 -11.05 -1.28 11.43
CA SER A 69 -10.92 -0.48 10.21
C SER A 69 -9.79 0.57 10.26
N ILE A 70 -9.12 0.71 11.40
CA ILE A 70 -7.97 1.61 11.53
C ILE A 70 -6.76 1.05 10.79
N ASP A 71 -6.15 1.91 9.97
CA ASP A 71 -4.88 1.60 9.29
C ASP A 71 -4.98 0.39 8.34
N PRO A 72 -5.84 0.48 7.33
CA PRO A 72 -6.06 -0.64 6.39
C PRO A 72 -4.83 -1.04 5.59
N THR A 73 -4.00 -0.07 5.21
CA THR A 73 -2.83 -0.34 4.36
C THR A 73 -1.54 -0.64 5.12
N GLU A 74 -1.62 -0.66 6.44
CA GLU A 74 -0.53 -1.05 7.35
C GLU A 74 0.69 -0.12 7.31
N ASP A 75 0.49 1.15 6.96
CA ASP A 75 1.62 2.07 6.71
C ASP A 75 1.33 3.58 6.84
N ARG A 76 0.16 3.93 7.35
CA ARG A 76 -0.23 5.34 7.51
C ARG A 76 0.39 6.03 8.74
N TYR A 77 0.99 5.25 9.62
CA TYR A 77 1.56 5.74 10.88
C TYR A 77 3.05 5.38 11.03
N GLN A 78 3.77 6.15 11.85
CA GLN A 78 5.08 5.74 12.37
C GLN A 78 5.37 6.36 13.74
N ASN A 79 6.36 5.79 14.44
CA ASN A 79 6.78 6.17 15.79
C ASN A 79 5.67 6.19 16.84
N VAL A 80 5.03 5.02 16.99
CA VAL A 80 3.92 4.80 17.92
C VAL A 80 4.46 4.49 19.31
N ILE A 81 4.23 5.39 20.26
CA ILE A 81 4.76 5.25 21.62
C ILE A 81 3.65 5.16 22.67
N VAL A 82 3.66 4.09 23.47
CA VAL A 82 2.74 3.95 24.60
C VAL A 82 3.53 3.81 25.91
N ARG A 83 3.37 4.78 26.81
CA ARG A 83 4.06 4.81 28.10
C ARG A 83 5.58 4.71 28.00
N GLY A 84 6.15 5.37 27.00
CA GLY A 84 7.60 5.41 26.82
C GLY A 84 8.23 4.32 25.96
N VAL A 85 7.40 3.53 25.28
CA VAL A 85 7.87 2.39 24.48
C VAL A 85 7.41 2.44 23.02
N ASN A 86 8.37 2.29 22.10
CA ASN A 86 8.13 2.37 20.65
C ASN A 86 7.58 1.07 20.07
N PHE A 87 6.32 1.11 19.66
CA PHE A 87 5.62 -0.09 19.22
C PHE A 87 5.90 -0.52 17.77
N ASP A 88 6.47 0.40 16.97
CA ASP A 88 6.95 0.06 15.62
C ASP A 88 7.86 -1.16 15.71
N GLU A 89 8.83 -1.06 16.60
CA GLU A 89 9.82 -2.11 16.80
C GLU A 89 9.21 -3.39 17.33
N ARG A 90 8.23 -3.25 18.22
CA ARG A 90 7.49 -4.41 18.73
C ARG A 90 6.94 -5.24 17.59
N VAL A 91 6.29 -4.56 16.63
CA VAL A 91 5.57 -5.24 15.57
C VAL A 91 6.51 -5.84 14.53
N GLN A 92 7.55 -5.10 14.15
CA GLN A 92 8.47 -5.57 13.12
C GLN A 92 9.24 -6.85 13.49
N ARG A 93 9.40 -7.13 14.78
CA ARG A 93 10.07 -8.36 15.23
C ARG A 93 9.11 -9.57 15.27
N LEU A 94 7.80 -9.29 15.33
CA LEU A 94 6.80 -10.35 15.27
C LEU A 94 6.74 -10.93 13.87
N SER A 95 6.58 -12.25 13.79
CA SER A 95 6.68 -12.98 12.51
C SER A 95 5.68 -12.60 11.42
N THR A 96 4.53 -12.03 11.79
CA THR A 96 3.55 -11.64 10.79
C THR A 96 3.46 -10.13 10.61
N GLY A 97 4.31 -9.40 11.33
CA GLY A 97 4.29 -7.95 11.33
C GLY A 97 2.88 -7.41 11.52
N GLY A 98 2.52 -6.42 10.73
CA GLY A 98 1.20 -5.79 10.82
C GLY A 98 1.23 -4.34 11.28
N SER A 99 0.05 -3.76 11.45
CA SER A 99 -0.11 -2.36 11.81
C SER A 99 0.12 -2.09 13.30
N PRO A 100 1.12 -1.25 13.62
CA PRO A 100 1.39 -0.87 15.01
C PRO A 100 0.32 0.06 15.61
N ALA A 101 -0.61 0.53 14.79
CA ALA A 101 -1.71 1.36 15.26
C ALA A 101 -2.78 0.53 15.96
N ARG A 102 -3.21 -0.56 15.31
CA ARG A 102 -4.20 -1.49 15.88
C ARG A 102 -3.62 -2.23 17.09
N TYR A 103 -2.32 -2.51 17.01
CA TYR A 103 -1.58 -3.14 18.10
C TYR A 103 -1.64 -2.27 19.35
N ALA A 104 -1.58 -0.95 19.15
CA ALA A 104 -1.57 0.00 20.26
C ALA A 104 -2.94 0.15 20.91
N ILE A 105 -3.99 -0.16 20.16
CA ILE A 105 -5.36 0.03 20.59
C ILE A 105 -5.85 -1.07 21.55
N VAL A 106 -5.18 -2.23 21.51
CA VAL A 106 -5.50 -3.35 22.41
C VAL A 106 -5.11 -3.09 23.89
N TYR A 107 -4.34 -2.02 24.12
CA TYR A 107 -3.82 -1.70 25.44
C TYR A 107 -4.67 -0.66 26.16
N ARG A 108 -4.77 -0.76 27.48
CA ARG A 108 -5.44 0.27 28.28
C ARG A 108 -4.75 1.61 28.07
N ARG A 109 -5.51 2.57 27.51
CA ARG A 109 -5.04 3.94 27.23
C ARG A 109 -4.20 4.07 25.95
N GLY A 110 -4.08 3.00 25.17
CA GLY A 110 -3.30 3.04 23.94
C GLY A 110 -3.81 4.08 22.93
N TRP A 111 -5.11 4.32 22.96
CA TRP A 111 -5.79 5.27 22.08
C TRP A 111 -5.18 6.69 22.07
N ARG A 112 -4.48 7.04 23.16
CA ARG A 112 -3.86 8.37 23.30
C ARG A 112 -2.83 8.64 22.22
N ALA A 113 -2.07 7.60 21.87
CA ALA A 113 -1.04 7.70 20.84
C ALA A 113 -1.68 8.09 19.51
N ILE A 114 -2.74 7.38 19.13
CA ILE A 114 -3.40 7.57 17.84
C ILE A 114 -4.16 8.90 17.77
N ALA A 115 -4.85 9.26 18.85
CA ALA A 115 -5.61 10.52 18.91
C ALA A 115 -4.73 11.78 18.81
N LYS A 116 -3.47 11.69 19.21
CA LYS A 116 -2.51 12.78 18.99
C LYS A 116 -2.19 12.94 17.49
N ALA A 117 -1.81 11.84 16.85
CA ALA A 117 -1.50 11.80 15.42
C ALA A 117 -2.64 12.29 14.53
N LEU A 118 -3.88 12.03 14.93
CA LEU A 118 -5.08 12.45 14.19
C LEU A 118 -5.65 13.78 14.70
N ASP A 119 -4.97 14.38 15.68
CA ASP A 119 -5.35 15.67 16.29
C ASP A 119 -6.81 15.74 16.73
N ILE A 120 -7.27 14.66 17.36
CA ILE A 120 -8.66 14.53 17.82
C ILE A 120 -8.89 15.46 19.00
N ASP A 121 -9.88 16.34 18.88
CA ASP A 121 -10.19 17.27 19.95
C ASP A 121 -11.68 17.59 20.03
N GLU A 122 -12.47 16.94 19.18
CA GLU A 122 -13.90 17.21 19.08
C GLU A 122 -14.65 16.80 20.36
N GLU A 123 -13.98 16.09 21.25
CA GLU A 123 -14.62 15.58 22.47
C GLU A 123 -13.64 15.43 23.64
N ASP A 124 -14.18 15.55 24.85
CA ASP A 124 -13.48 15.22 26.11
C ASP A 124 -13.10 13.75 26.17
N VAL A 125 -11.86 13.47 26.62
CA VAL A 125 -11.35 12.08 26.78
C VAL A 125 -11.82 11.13 25.66
N PRO A 126 -11.31 11.33 24.44
CA PRO A 126 -11.77 10.57 23.28
C PRO A 126 -11.27 9.11 23.29
N ALA A 127 -11.84 8.32 24.19
CA ALA A 127 -11.38 6.96 24.41
C ALA A 127 -12.04 5.94 23.48
N ILE A 128 -11.21 5.04 22.94
CA ILE A 128 -11.67 3.79 22.37
C ILE A 128 -10.95 2.72 23.16
N GLU A 129 -11.73 1.88 23.83
CA GLU A 129 -11.21 0.75 24.59
C GLU A 129 -11.92 -0.50 24.09
N VAL A 130 -11.24 -1.64 24.15
CA VAL A 130 -11.81 -2.90 23.66
C VAL A 130 -11.45 -4.07 24.58
N ARG A 131 -11.49 -3.84 25.89
CA ARG A 131 -11.11 -4.85 26.86
C ARG A 131 -12.26 -5.35 27.74
N ALA A 132 -13.51 -5.14 27.31
CA ALA A 132 -14.68 -5.60 28.06
C ALA A 132 -14.71 -7.11 28.27
N VAL A 133 -14.88 -7.53 29.52
CA VAL A 133 -14.73 -8.92 29.91
C VAL A 133 -16.07 -9.60 30.25
N LYS A 134 -16.63 -9.27 31.42
CA LYS A 134 -17.80 -10.00 31.93
C LYS A 134 -19.06 -9.92 31.08
N ARG A 135 -19.34 -8.76 30.48
CA ARG A 135 -20.53 -8.64 29.62
C ARG A 135 -20.26 -8.59 28.11
N ASN A 136 -19.21 -9.27 27.68
CA ASN A 136 -18.85 -9.33 26.27
C ASN A 136 -19.68 -10.41 25.55
N PRO A 137 -20.33 -10.04 24.45
CA PRO A 137 -20.96 -11.02 23.56
C PRO A 137 -19.99 -12.13 23.14
N LEU A 138 -18.87 -11.79 22.52
CA LEU A 138 -17.88 -12.79 22.07
C LEU A 138 -17.02 -13.33 23.20
N GLN A 139 -16.31 -14.42 22.92
CA GLN A 139 -15.20 -14.87 23.76
C GLN A 139 -14.18 -13.72 23.81
N PRO A 140 -13.95 -13.16 25.00
CA PRO A 140 -13.13 -11.93 25.15
C PRO A 140 -11.79 -11.90 24.40
N ALA A 141 -10.89 -12.84 24.69
CA ALA A 141 -9.58 -12.84 24.04
C ALA A 141 -9.69 -12.77 22.51
N LEU A 142 -10.58 -13.59 21.94
CA LEU A 142 -10.84 -13.60 20.50
C LEU A 142 -11.24 -12.22 19.97
N TYR A 143 -12.09 -11.54 20.73
CA TYR A 143 -12.53 -10.18 20.43
C TYR A 143 -11.33 -9.26 20.17
N ARG A 144 -10.36 -9.28 21.10
CA ARG A 144 -9.14 -8.50 20.96
C ARG A 144 -8.28 -8.81 19.71
N ILE A 145 -8.14 -10.09 19.38
CA ILE A 145 -7.32 -10.54 18.24
C ILE A 145 -7.91 -10.20 16.86
N LEU A 146 -9.24 -10.05 16.81
CA LEU A 146 -9.90 -9.62 15.57
C LEU A 146 -9.52 -8.19 15.20
N VAL A 147 -9.43 -7.33 16.22
CA VAL A 147 -9.00 -5.95 16.04
C VAL A 147 -7.53 -5.91 15.59
N ARG A 148 -6.67 -6.66 16.27
CA ARG A 148 -5.23 -6.68 15.92
C ARG A 148 -4.97 -6.98 14.44
N TYR A 149 -5.72 -7.91 13.86
CA TYR A 149 -5.55 -8.25 12.45
C TYR A 149 -6.52 -7.53 11.50
N GLY A 150 -7.19 -6.50 12.02
CA GLY A 150 -8.10 -5.69 11.22
C GLY A 150 -9.16 -6.51 10.51
N ARG A 151 -9.85 -7.37 11.25
CA ARG A 151 -10.79 -8.30 10.66
C ARG A 151 -12.20 -7.79 10.53
N VAL A 152 -12.36 -6.73 9.73
CA VAL A 152 -13.67 -6.08 9.52
C VAL A 152 -14.71 -7.12 9.10
N ASP A 153 -14.29 -8.01 8.21
CA ASP A 153 -15.13 -9.08 7.66
C ASP A 153 -15.67 -10.07 8.70
N LEU A 154 -14.83 -10.45 9.66
CA LEU A 154 -15.18 -11.48 10.64
C LEU A 154 -15.92 -10.98 11.88
N MET A 155 -15.70 -9.72 12.25
CA MET A 155 -16.36 -9.13 13.42
C MET A 155 -17.83 -8.92 13.10
N PRO A 156 -18.70 -9.60 13.86
CA PRO A 156 -20.14 -9.43 13.68
C PRO A 156 -20.57 -8.06 14.20
N VAL A 157 -21.67 -7.54 13.66
CA VAL A 157 -22.16 -6.19 14.00
C VAL A 157 -23.52 -6.16 14.69
N THR A 158 -23.97 -7.32 15.19
CA THR A 158 -25.27 -7.45 15.88
C THR A 158 -25.33 -8.75 16.69
N VAL A 159 -25.82 -8.65 17.92
CA VAL A 159 -25.96 -9.82 18.80
C VAL A 159 -26.64 -10.98 18.08
N ASP A 160 -27.70 -10.67 17.32
CA ASP A 160 -28.42 -11.65 16.52
C ASP A 160 -27.54 -12.48 15.57
N GLU A 161 -26.54 -11.85 14.96
CA GLU A 161 -25.70 -12.54 13.96
C GLU A 161 -24.44 -13.20 14.53
N VAL A 162 -24.20 -13.04 15.82
CA VAL A 162 -23.09 -13.70 16.53
C VAL A 162 -23.30 -15.22 16.58
N PRO A 163 -22.43 -15.99 15.92
CA PRO A 163 -22.52 -17.45 15.96
C PRO A 163 -22.07 -18.03 17.31
N PRO A 164 -22.64 -19.16 17.71
CA PRO A 164 -22.19 -19.90 18.90
C PRO A 164 -20.70 -20.24 18.92
N GLU A 165 -20.07 -20.30 17.74
CA GLU A 165 -18.64 -20.59 17.59
C GLU A 165 -17.69 -19.42 17.93
N MET A 166 -18.22 -18.21 18.05
CA MET A 166 -17.43 -17.06 18.49
C MET A 166 -17.74 -16.70 19.96
N ALA A 167 -18.69 -17.44 20.56
CA ALA A 167 -19.08 -17.25 21.97
C ALA A 167 -19.21 -18.55 22.76
N GLY A 168 -20.40 -19.15 22.78
CA GLY A 168 -20.70 -20.37 23.54
C GLY A 168 -19.79 -21.57 23.31
N GLU A 169 -19.69 -22.03 22.06
CA GLU A 169 -18.72 -23.06 21.69
C GLU A 169 -17.62 -22.49 20.79
N PHE A 170 -16.77 -21.65 21.39
CA PHE A 170 -15.62 -21.09 20.70
C PHE A 170 -14.68 -22.20 20.24
N GLU A 171 -14.83 -23.36 20.88
CA GLU A 171 -14.04 -24.56 20.64
C GLU A 171 -14.13 -25.11 19.21
N ARG A 172 -15.32 -25.11 18.64
CA ARG A 172 -15.50 -25.58 17.25
C ARG A 172 -14.65 -24.80 16.24
N LEU A 173 -14.37 -23.54 16.54
CA LEU A 173 -13.57 -22.69 15.67
C LEU A 173 -12.11 -23.14 15.61
N ILE A 174 -11.54 -23.48 16.77
CA ILE A 174 -10.20 -24.08 16.86
C ILE A 174 -10.15 -25.38 16.05
N GLU A 175 -11.14 -26.24 16.28
CA GLU A 175 -11.21 -27.55 15.65
C GLU A 175 -11.33 -27.48 14.12
N ARG A 176 -12.13 -26.55 13.59
CA ARG A 176 -12.37 -26.43 12.15
C ARG A 176 -11.12 -26.14 11.30
N TYR A 177 -10.03 -25.72 11.94
CA TYR A 177 -8.83 -25.31 11.22
C TYR A 177 -7.54 -26.07 11.58
N ASP A 178 -7.68 -27.17 12.33
CA ASP A 178 -6.56 -28.08 12.67
C ASP A 178 -5.38 -27.38 13.29
N VAL A 179 -5.64 -26.49 14.26
CA VAL A 179 -4.58 -25.73 14.90
C VAL A 179 -3.94 -26.51 16.06
N PRO A 180 -2.62 -26.65 16.01
CA PRO A 180 -1.83 -27.24 17.09
C PRO A 180 -1.87 -26.45 18.40
N ILE A 181 -2.03 -27.16 19.51
CA ILE A 181 -2.11 -26.57 20.85
C ILE A 181 -1.08 -27.22 21.76
N ASP A 182 -0.43 -26.43 22.62
CA ASP A 182 0.57 -26.95 23.56
C ASP A 182 0.00 -27.25 24.95
N GLU A 183 0.86 -27.78 25.83
CA GLU A 183 0.50 -28.23 27.18
C GLU A 183 -0.16 -27.13 28.01
N LYS A 184 0.55 -26.01 28.19
CA LYS A 184 0.06 -24.87 28.96
C LYS A 184 -1.30 -24.42 28.45
N GLU A 185 -1.41 -24.24 27.13
CA GLU A 185 -2.66 -23.88 26.46
C GLU A 185 -3.84 -24.83 26.78
N GLU A 186 -3.54 -26.13 26.88
CA GLU A 186 -4.52 -27.14 27.27
C GLU A 186 -5.03 -26.93 28.70
N ARG A 187 -4.13 -26.53 29.60
CA ARG A 187 -4.47 -26.20 30.98
C ARG A 187 -5.46 -25.03 31.06
N ILE A 188 -5.19 -24.00 30.26
CA ILE A 188 -6.04 -22.81 30.17
C ILE A 188 -7.47 -23.17 29.77
N LEU A 189 -7.60 -23.82 28.61
CA LEU A 189 -8.90 -24.13 28.02
C LEU A 189 -9.84 -24.90 28.94
N GLU A 190 -9.26 -25.71 29.83
CA GLU A 190 -10.02 -26.46 30.84
C GLU A 190 -10.93 -25.52 31.62
N ILE A 191 -10.33 -24.54 32.29
CA ILE A 191 -11.04 -23.47 32.99
C ILE A 191 -12.09 -22.77 32.10
N LEU A 192 -11.68 -22.45 30.87
CA LEU A 192 -12.56 -21.75 29.93
C LEU A 192 -13.73 -22.62 29.46
N ARG A 193 -13.56 -23.94 29.49
CA ARG A 193 -14.62 -24.86 29.08
C ARG A 193 -15.85 -24.74 29.97
N GLU A 194 -15.63 -24.51 31.27
CA GLU A 194 -16.71 -24.30 32.24
C GLU A 194 -17.25 -22.89 32.12
N ASN A 195 -16.33 -21.93 32.12
CA ASN A 195 -16.68 -20.51 32.02
C ASN A 195 -15.77 -19.81 31.02
N PRO A 196 -16.27 -19.57 29.80
CA PRO A 196 -15.50 -18.90 28.75
C PRO A 196 -15.26 -17.41 29.04
N TRP A 197 -15.94 -16.86 30.05
CA TRP A 197 -15.75 -15.48 30.48
C TRP A 197 -15.02 -15.37 31.83
N THR A 198 -14.08 -16.28 32.09
CA THR A 198 -13.26 -16.21 33.29
C THR A 198 -12.10 -15.21 33.10
N PRO A 199 -12.00 -14.21 33.99
CA PRO A 199 -10.90 -13.25 33.94
C PRO A 199 -9.50 -13.90 34.02
N HIS A 200 -8.55 -13.31 33.29
CA HIS A 200 -7.20 -13.83 33.11
C HIS A 200 -6.41 -14.00 34.41
N ASP A 201 -6.56 -13.04 35.32
CA ASP A 201 -5.82 -13.08 36.58
C ASP A 201 -6.39 -14.13 37.53
N GLU A 202 -7.69 -14.41 37.39
CA GLU A 202 -8.33 -15.43 38.19
C GLU A 202 -7.84 -16.81 37.74
N ILE A 203 -7.80 -17.01 36.43
CA ILE A 203 -7.23 -18.20 35.82
C ILE A 203 -5.81 -18.37 36.37
N ALA A 204 -5.06 -17.27 36.36
CA ALA A 204 -3.67 -17.25 36.80
C ALA A 204 -3.52 -17.73 38.24
N ARG A 205 -4.37 -17.20 39.12
CA ARG A 205 -4.40 -17.59 40.54
C ARG A 205 -4.60 -19.10 40.70
N ARG A 206 -5.57 -19.66 39.97
CA ARG A 206 -5.97 -21.05 40.12
C ARG A 206 -5.07 -22.05 39.41
N LEU A 207 -4.08 -21.55 38.67
CA LEU A 207 -3.11 -22.41 37.99
C LEU A 207 -1.68 -22.17 38.49
N GLY A 208 -1.55 -21.25 39.45
CA GLY A 208 -0.24 -20.86 39.97
C GLY A 208 0.68 -20.33 38.90
N LEU A 209 0.19 -19.41 38.07
CA LEU A 209 0.98 -18.79 37.01
C LEU A 209 0.75 -17.28 37.02
N SER A 210 1.73 -16.53 36.53
CA SER A 210 1.58 -15.09 36.36
C SER A 210 0.66 -14.80 35.18
N VAL A 211 0.21 -13.55 35.06
CA VAL A 211 -0.75 -13.14 34.03
C VAL A 211 -0.14 -13.22 32.62
N SER A 212 1.14 -12.89 32.50
CA SER A 212 1.82 -12.85 31.20
C SER A 212 2.03 -14.21 30.53
N GLU A 213 2.26 -15.25 31.34
CA GLU A 213 2.33 -16.64 30.85
C GLU A 213 0.98 -17.10 30.29
N VAL A 214 -0.12 -16.65 30.92
CA VAL A 214 -1.48 -16.97 30.49
C VAL A 214 -1.75 -16.36 29.13
N GLU A 215 -1.40 -15.08 28.97
CA GLU A 215 -1.69 -14.31 27.76
C GLU A 215 -0.84 -14.64 26.53
N GLY A 216 0.48 -14.48 26.63
CA GLY A 216 1.37 -14.68 25.49
C GLY A 216 1.40 -13.50 24.52
N GLU A 217 2.10 -13.68 23.39
CA GLU A 217 2.22 -12.66 22.34
C GLU A 217 1.13 -12.79 21.28
N LYS A 218 0.71 -11.65 20.75
CA LYS A 218 -0.37 -11.57 19.74
C LYS A 218 0.09 -12.05 18.37
N ASP A 219 0.69 -13.24 18.33
CA ASP A 219 1.29 -13.79 17.12
C ASP A 219 1.18 -15.31 17.17
N PRO A 220 1.06 -15.97 16.02
CA PRO A 220 1.01 -17.44 15.97
C PRO A 220 2.24 -18.10 16.56
N GLU A 221 3.40 -17.45 16.45
CA GLU A 221 4.65 -18.00 16.97
C GLU A 221 4.93 -17.58 18.42
N SER A 222 3.99 -17.89 19.32
CA SER A 222 4.16 -17.68 20.76
C SER A 222 3.36 -18.74 21.57
N SER A 223 3.10 -18.48 22.85
CA SER A 223 2.37 -19.43 23.70
C SER A 223 1.44 -18.78 24.72
N GLY A 224 0.15 -19.03 24.55
CA GLY A 224 -0.89 -18.46 25.41
C GLY A 224 -2.16 -18.32 24.60
N ILE A 225 -3.25 -17.95 25.25
CA ILE A 225 -4.56 -17.80 24.59
C ILE A 225 -4.55 -16.78 23.43
N TYR A 226 -3.76 -15.72 23.58
CA TYR A 226 -3.58 -14.72 22.54
C TYR A 226 -2.96 -15.34 21.28
N SER A 227 -1.89 -16.10 21.49
CA SER A 227 -1.12 -16.67 20.39
C SER A 227 -1.89 -17.78 19.69
N LEU A 228 -2.61 -18.55 20.49
CA LEU A 228 -3.50 -19.60 20.02
C LEU A 228 -4.52 -19.07 19.03
N TRP A 229 -5.20 -17.98 19.40
CA TRP A 229 -6.18 -17.33 18.52
C TRP A 229 -5.54 -16.81 17.23
N SER A 230 -4.34 -16.26 17.33
CA SER A 230 -3.60 -15.76 16.16
C SER A 230 -3.35 -16.83 15.09
N ARG A 231 -2.92 -18.02 15.52
CA ARG A 231 -2.85 -19.18 14.65
C ARG A 231 -4.15 -19.34 13.86
N VAL A 232 -5.28 -19.42 14.57
CA VAL A 232 -6.60 -19.56 13.94
C VAL A 232 -6.87 -18.47 12.91
N VAL A 233 -6.99 -17.24 13.38
CA VAL A 233 -7.44 -16.10 12.57
C VAL A 233 -6.64 -15.89 11.26
N VAL A 234 -5.34 -16.15 11.32
CA VAL A 234 -4.49 -16.01 10.13
C VAL A 234 -4.84 -17.05 9.03
N ASN A 235 -5.48 -18.16 9.44
CA ASN A 235 -5.89 -19.22 8.51
C ASN A 235 -7.25 -19.04 7.81
N ILE A 236 -8.14 -18.24 8.40
CA ILE A 236 -9.39 -17.88 7.75
C ILE A 236 -9.08 -16.93 6.62
N GLU A 237 -9.49 -17.25 5.41
CA GLU A 237 -9.24 -16.35 4.30
C GLU A 237 -10.17 -15.15 4.36
N TYR A 238 -9.67 -14.03 3.86
CA TYR A 238 -10.39 -12.77 3.88
C TYR A 238 -11.56 -12.80 2.89
N ASP A 239 -12.74 -12.41 3.35
CA ASP A 239 -13.94 -12.39 2.53
C ASP A 239 -14.36 -10.94 2.24
N GLU A 240 -13.97 -10.46 1.06
CA GLU A 240 -14.23 -9.08 0.61
C GLU A 240 -15.69 -8.65 0.61
N ARG A 241 -16.61 -9.61 0.49
CA ARG A 241 -18.03 -9.30 0.35
C ARG A 241 -18.68 -8.95 1.68
N THR A 242 -18.44 -9.79 2.69
CA THR A 242 -18.92 -9.57 4.05
C THR A 242 -18.45 -8.25 4.59
N ALA A 243 -17.18 -7.93 4.35
CA ALA A 243 -16.56 -6.67 4.75
C ALA A 243 -17.41 -5.51 4.24
N LYS A 244 -17.63 -5.51 2.93
CA LYS A 244 -18.53 -4.54 2.28
C LYS A 244 -19.88 -4.43 2.98
N ARG A 245 -20.57 -5.55 3.17
CA ARG A 245 -21.89 -5.55 3.81
C ARG A 245 -21.88 -4.91 5.20
N HIS A 246 -20.95 -5.37 6.04
CA HIS A 246 -20.73 -4.84 7.38
C HIS A 246 -20.55 -3.32 7.41
N VAL A 247 -19.76 -2.80 6.47
CA VAL A 247 -19.45 -1.37 6.38
C VAL A 247 -20.69 -0.50 6.08
N LYS A 248 -21.55 -0.96 5.16
CA LYS A 248 -22.78 -0.21 4.80
C LYS A 248 -23.87 -0.33 5.87
N ARG A 249 -23.86 -1.45 6.60
CA ARG A 249 -24.88 -1.72 7.60
C ARG A 249 -24.59 -1.10 8.97
N ARG A 250 -23.31 -0.89 9.27
CA ARG A 250 -22.85 -0.50 10.60
C ARG A 250 -23.25 0.92 10.98
N ASP A 251 -23.17 1.84 10.01
CA ASP A 251 -23.45 3.25 10.26
C ASP A 251 -24.88 3.48 10.73
N ARG A 252 -25.84 2.84 10.07
CA ARG A 252 -27.26 2.95 10.40
C ARG A 252 -27.58 2.45 11.81
N LEU A 253 -26.95 1.33 12.18
CA LEU A 253 -27.10 0.73 13.52
C LEU A 253 -26.75 1.67 14.66
N LEU A 254 -25.66 2.42 14.51
CA LEU A 254 -25.20 3.34 15.56
C LEU A 254 -26.27 4.39 15.89
N GLU A 255 -26.98 4.84 14.87
CA GLU A 255 -28.08 5.78 15.05
C GLU A 255 -29.29 5.08 15.67
N GLU A 256 -29.58 3.86 15.22
CA GLU A 256 -30.67 3.06 15.78
C GLU A 256 -30.47 2.74 17.26
N LEU A 257 -29.25 2.39 17.65
CA LEU A 257 -28.93 2.07 19.03
C LEU A 257 -29.09 3.27 19.98
N TYR A 258 -28.61 4.44 19.54
CA TYR A 258 -28.73 5.68 20.31
C TYR A 258 -30.20 6.08 20.46
N GLU A 259 -30.96 5.85 19.39
CA GLU A 259 -32.41 6.02 19.35
C GLU A 259 -33.08 5.16 20.42
N HIS A 260 -32.57 3.93 20.58
CA HIS A 260 -33.09 2.99 21.56
C HIS A 260 -32.74 3.38 22.99
N LEU A 261 -31.55 3.93 23.20
CA LEU A 261 -31.11 4.34 24.54
C LEU A 261 -32.01 5.42 25.17
N GLU A 262 -32.27 6.48 24.42
CA GLU A 262 -33.10 7.58 24.89
C GLU A 262 -34.44 7.08 25.40
N GLU A 263 -35.13 6.35 24.52
CA GLU A 263 -36.40 5.70 24.79
C GLU A 263 -36.40 4.93 26.11
N LEU A 264 -35.39 4.10 26.33
CA LEU A 264 -35.29 3.32 27.58
C LEU A 264 -34.92 4.17 28.80
N SER A 265 -34.01 5.13 28.61
CA SER A 265 -33.53 6.00 29.71
C SER A 265 -34.64 6.70 30.52
N GLU A 266 -35.76 6.98 29.85
CA GLU A 266 -36.89 7.67 30.47
C GLU A 266 -37.53 6.84 31.58
N ARG A 267 -37.42 5.51 31.48
CA ARG A 267 -37.96 4.60 32.47
C ARG A 267 -37.28 4.73 33.85
N TYR A 268 -36.00 5.10 33.86
CA TYR A 268 -35.24 5.09 35.12
C TYR A 268 -34.76 6.48 35.58
N LEU A 269 -35.17 7.52 34.84
CA LEU A 269 -34.74 8.88 35.14
C LEU A 269 -35.87 9.89 34.87
N ARG A 270 -35.64 11.13 35.26
CA ARG A 270 -36.54 12.24 34.89
C ARG A 270 -35.95 13.04 33.73
N HIS A 271 -34.65 12.87 33.50
CA HIS A 271 -33.99 13.39 32.30
C HIS A 271 -33.51 12.26 31.38
N PRO A 272 -33.84 12.33 30.09
CA PRO A 272 -33.43 11.31 29.13
C PRO A 272 -31.95 11.39 28.75
N LEU A 273 -31.37 10.26 28.38
CA LEU A 273 -29.97 10.18 27.96
C LEU A 273 -29.80 10.43 26.47
N THR A 274 -29.69 11.69 26.08
CA THR A 274 -29.49 12.03 24.67
C THR A 274 -28.01 12.05 24.37
N ARG A 275 -27.65 11.92 23.09
CA ARG A 275 -26.23 11.98 22.71
C ARG A 275 -25.60 13.31 23.15
N ARG A 276 -26.41 14.36 23.15
CA ARG A 276 -25.99 15.69 23.60
C ARG A 276 -25.58 15.70 25.09
N TRP A 277 -26.47 15.18 25.93
CA TRP A 277 -26.23 15.01 27.38
C TRP A 277 -24.95 14.24 27.64
N ILE A 278 -24.73 13.18 26.86
CA ILE A 278 -23.53 12.34 26.99
C ILE A 278 -22.26 13.17 26.78
N VAL A 279 -22.16 13.87 25.66
CA VAL A 279 -20.99 14.70 25.34
C VAL A 279 -20.81 15.71 26.48
N GLU A 280 -21.92 16.31 26.89
CA GLU A 280 -21.97 17.30 27.96
C GLU A 280 -21.34 16.79 29.26
N HIS A 281 -21.75 15.58 29.68
CA HIS A 281 -21.36 15.01 30.96
C HIS A 281 -20.41 13.81 30.81
N LYS A 282 -19.47 13.90 29.87
CA LYS A 282 -18.56 12.78 29.57
C LYS A 282 -17.72 12.31 30.78
N ARG A 283 -16.95 13.24 31.34
CA ARG A 283 -16.08 12.98 32.50
C ARG A 283 -16.89 12.42 33.67
N ASP A 284 -17.98 13.12 33.95
CA ASP A 284 -18.92 12.81 35.02
C ASP A 284 -19.44 11.38 34.91
N ILE A 285 -19.76 10.98 33.68
CA ILE A 285 -20.37 9.68 33.40
C ILE A 285 -19.40 8.51 33.54
N MET A 286 -18.11 8.77 33.31
CA MET A 286 -17.12 7.69 33.26
C MET A 286 -16.21 7.54 34.49
N ARG A 287 -16.33 8.43 35.47
CA ARG A 287 -15.61 8.26 36.72
C ARG A 287 -16.35 7.24 37.58
N ARG A 288 -17.66 7.13 37.35
CA ARG A 288 -18.51 6.16 38.03
C ARG A 288 -18.01 4.75 37.70
N TYR A 289 -17.75 4.50 36.42
CA TYR A 289 -17.16 3.25 35.97
C TYR A 289 -15.75 3.03 36.50
N LEU A 290 -14.89 4.04 36.37
CA LEU A 290 -13.48 3.93 36.71
C LEU A 290 -13.22 3.74 38.20
N GLU A 291 -14.05 4.38 39.02
CA GLU A 291 -14.02 4.24 40.47
C GLU A 291 -13.89 2.81 40.96
N GLN A 292 -14.96 2.04 40.78
CA GLN A 292 -15.07 0.67 41.28
C GLN A 292 -13.96 -0.19 40.71
N ARG A 293 -13.67 0.04 39.43
CA ARG A 293 -12.58 -0.63 38.72
C ARG A 293 -11.25 -0.40 39.44
N ILE A 294 -10.86 0.86 39.61
CA ILE A 294 -9.64 1.23 40.35
C ILE A 294 -9.59 0.65 41.78
N VAL A 295 -10.74 0.66 42.48
CA VAL A 295 -10.81 0.24 43.89
C VAL A 295 -10.72 -1.26 44.04
N GLU A 296 -11.47 -2.01 43.22
CA GLU A 296 -11.43 -3.46 43.27
C GLU A 296 -10.02 -3.96 42.97
N CYS A 297 -9.27 -3.15 42.22
CA CYS A 297 -7.86 -3.42 41.94
C CYS A 297 -6.88 -2.97 43.05
N ALA A 298 -7.24 -1.96 43.83
CA ALA A 298 -6.37 -1.50 44.91
C ALA A 298 -6.38 -2.41 46.14
N LEU A 299 -7.56 -2.94 46.47
CA LEU A 299 -7.72 -3.91 47.56
C LEU A 299 -7.17 -5.29 47.22
N LYS A 300 -7.22 -5.66 45.94
CA LYS A 300 -6.57 -6.88 45.46
C LYS A 300 -5.05 -6.81 45.69
N LEU A 301 -4.44 -5.72 45.25
CA LEU A 301 -2.99 -5.54 45.37
C LEU A 301 -2.54 -5.56 46.83
N GLN A 302 -3.46 -5.29 47.74
CA GLN A 302 -3.16 -5.27 49.17
C GLN A 302 -3.29 -6.66 49.79
N ASP A 303 -4.43 -7.31 49.51
CA ASP A 303 -4.78 -8.58 50.15
C ASP A 303 -4.23 -9.83 49.44
N ARG A 304 -3.95 -9.70 48.15
CA ARG A 304 -3.37 -10.80 47.36
C ARG A 304 -1.88 -10.61 47.08
N TYR A 305 -1.37 -9.41 47.35
CA TYR A 305 0.03 -9.07 47.05
C TYR A 305 0.80 -8.42 48.22
N GLY A 306 0.09 -8.04 49.27
CA GLY A 306 0.73 -7.47 50.45
C GLY A 306 1.56 -6.24 50.14
N ILE A 307 0.91 -5.23 49.58
CA ILE A 307 1.52 -3.96 49.19
C ILE A 307 0.90 -2.89 50.10
N ARG A 308 1.72 -2.00 50.66
CA ARG A 308 1.22 -0.91 51.52
C ARG A 308 0.07 -0.13 50.84
N GLU A 309 -0.93 0.29 51.63
CA GLU A 309 -2.17 0.84 51.08
C GLU A 309 -1.97 2.07 50.19
N ASP A 310 -1.08 2.95 50.61
CA ASP A 310 -0.76 4.13 49.83
C ASP A 310 -0.26 3.79 48.42
N VAL A 311 0.64 2.82 48.31
CA VAL A 311 1.21 2.46 47.01
C VAL A 311 0.20 1.73 46.12
N ALA A 312 -0.51 0.77 46.72
CA ALA A 312 -1.51 -0.03 45.99
C ALA A 312 -2.46 0.89 45.25
N LEU A 313 -2.90 1.92 45.97
CA LEU A 313 -3.82 2.94 45.46
C LEU A 313 -3.17 3.75 44.35
N CYS A 314 -1.87 3.99 44.46
CA CYS A 314 -1.11 4.76 43.46
C CYS A 314 -1.01 4.03 42.11
N LEU A 315 -0.61 2.75 42.15
CA LEU A 315 -0.43 1.94 40.96
C LEU A 315 -1.76 1.62 40.27
N ALA A 316 -2.79 1.33 41.05
CA ALA A 316 -4.12 1.09 40.51
C ALA A 316 -4.57 2.26 39.64
N ARG A 317 -4.50 3.47 40.20
CA ARG A 317 -4.87 4.70 39.49
C ARG A 317 -4.12 4.86 38.17
N ALA A 318 -2.79 4.78 38.23
CA ALA A 318 -1.93 5.00 37.06
C ALA A 318 -2.27 4.12 35.86
N PHE A 319 -2.79 2.92 36.12
CA PHE A 319 -3.00 1.92 35.07
C PHE A 319 -4.48 1.59 34.80
N ASP A 320 -5.37 2.51 35.19
CA ASP A 320 -6.81 2.38 34.95
C ASP A 320 -7.37 1.03 35.41
N GLY A 321 -6.84 0.54 36.53
CA GLY A 321 -7.35 -0.67 37.16
C GLY A 321 -7.00 -1.99 36.50
N SER A 322 -5.99 -2.01 35.64
CA SER A 322 -5.56 -3.27 35.01
C SER A 322 -4.30 -3.85 35.61
N ILE A 323 -4.44 -5.02 36.22
CA ILE A 323 -3.28 -5.77 36.70
C ILE A 323 -2.47 -6.32 35.52
N SER A 324 -3.15 -6.76 34.47
CA SER A 324 -2.51 -7.25 33.24
C SER A 324 -1.41 -6.30 32.78
N MET A 325 -1.79 -5.04 32.56
CA MET A 325 -0.88 -3.99 32.13
C MET A 325 0.26 -3.71 33.13
N ILE A 326 -0.03 -3.79 34.43
CA ILE A 326 0.96 -3.52 35.47
C ILE A 326 2.16 -4.46 35.43
N ALA A 327 1.91 -5.75 35.18
CA ALA A 327 2.98 -6.75 35.16
C ALA A 327 3.65 -6.93 33.78
N THR A 328 3.40 -6.01 32.86
CA THR A 328 4.14 -5.96 31.60
C THR A 328 5.11 -4.79 31.64
N THR A 329 5.23 -4.16 32.80
CA THR A 329 5.92 -2.88 32.94
C THR A 329 7.23 -2.97 33.74
N PRO A 330 8.32 -2.44 33.17
CA PRO A 330 9.64 -2.44 33.82
C PRO A 330 9.72 -1.63 35.12
N TYR A 331 10.55 -2.11 36.05
CA TYR A 331 10.70 -1.53 37.39
C TYR A 331 10.84 -0.01 37.41
N ARG A 332 11.81 0.49 36.65
CA ARG A 332 12.12 1.91 36.67
C ARG A 332 10.91 2.80 36.38
N THR A 333 10.04 2.36 35.47
CA THR A 333 8.86 3.15 35.13
C THR A 333 7.73 2.96 36.18
N LEU A 334 7.64 1.78 36.79
CA LEU A 334 6.70 1.61 37.90
C LEU A 334 7.12 2.51 39.05
N LYS A 335 8.42 2.57 39.30
CA LYS A 335 8.98 3.45 40.31
C LYS A 335 8.84 4.92 39.91
N ASP A 336 8.96 5.22 38.62
CA ASP A 336 8.89 6.60 38.16
C ASP A 336 7.60 7.31 38.62
N VAL A 337 6.45 6.63 38.53
CA VAL A 337 5.18 7.22 38.97
C VAL A 337 4.76 6.88 40.41
N CYS A 338 5.39 5.88 41.01
CA CYS A 338 5.12 5.53 42.42
C CYS A 338 6.44 5.38 43.22
N PRO A 339 6.96 6.51 43.72
CA PRO A 339 8.33 6.58 44.28
C PRO A 339 8.62 5.84 45.61
N ASP A 340 7.59 5.54 46.41
CA ASP A 340 7.76 4.78 47.66
C ASP A 340 7.88 3.27 47.41
N LEU A 341 7.84 2.89 46.13
CA LEU A 341 7.80 1.50 45.71
C LEU A 341 9.17 0.86 45.85
N THR A 342 9.25 -0.19 46.66
CA THR A 342 10.49 -0.95 46.82
C THR A 342 10.65 -1.94 45.67
N LEU A 343 11.90 -2.34 45.41
CA LEU A 343 12.20 -3.39 44.45
C LEU A 343 11.43 -4.66 44.79
N GLU A 344 11.47 -5.04 46.08
CA GLU A 344 10.75 -6.19 46.60
C GLU A 344 9.27 -6.18 46.20
N GLU A 345 8.62 -5.04 46.41
CA GLU A 345 7.20 -4.88 46.12
C GLU A 345 6.88 -4.99 44.62
N ALA A 346 7.81 -4.54 43.78
CA ALA A 346 7.64 -4.59 42.33
C ALA A 346 7.86 -6.00 41.76
N LYS A 347 8.68 -6.78 42.47
CA LYS A 347 8.90 -8.18 42.12
C LYS A 347 7.65 -8.98 42.43
N SER A 348 6.93 -8.53 43.46
CA SER A 348 5.69 -9.14 43.91
C SER A 348 4.53 -9.01 42.89
N VAL A 349 4.56 -7.95 42.07
CA VAL A 349 3.54 -7.77 41.02
C VAL A 349 3.99 -8.29 39.65
N ASN A 350 5.25 -8.05 39.29
CA ASN A 350 5.75 -8.54 38.01
C ASN A 350 6.68 -9.74 38.19
N ARG A 351 6.13 -10.93 37.97
CA ARG A 351 6.89 -12.18 38.09
C ARG A 351 8.00 -12.33 37.02
N THR A 352 7.74 -11.87 35.80
CA THR A 352 8.77 -11.82 34.76
C THR A 352 10.03 -11.19 35.33
N LEU A 353 9.85 -10.07 36.03
CA LEU A 353 10.94 -9.36 36.65
C LEU A 353 11.65 -10.22 37.70
N ALA A 354 10.88 -10.87 38.57
CA ALA A 354 11.46 -11.70 39.62
C ALA A 354 12.13 -12.96 39.07
N THR A 355 11.86 -13.30 37.82
CA THR A 355 12.46 -14.48 37.16
C THR A 355 13.87 -14.22 36.67
N LEU A 356 14.12 -13.03 36.12
CA LEU A 356 15.42 -12.71 35.54
C LEU A 356 16.39 -12.26 36.61
N ILE A 357 15.86 -11.82 37.74
CA ILE A 357 16.67 -11.33 38.86
C ILE A 357 17.01 -12.45 39.85
N ASP A 358 15.98 -13.10 40.39
CA ASP A 358 16.17 -14.13 41.40
C ASP A 358 16.72 -15.43 40.84
N GLU A 359 16.31 -15.77 39.61
CA GLU A 359 16.58 -17.09 39.07
C GLU A 359 17.72 -17.08 38.08
N HIS A 360 17.65 -16.18 37.11
CA HIS A 360 18.71 -16.06 36.11
C HIS A 360 19.87 -15.20 36.58
N GLY A 361 19.56 -14.23 37.44
CA GLY A 361 20.57 -13.35 38.02
C GLY A 361 21.03 -12.32 37.01
N LEU A 362 20.32 -11.21 36.96
CA LEU A 362 20.78 -10.03 36.23
C LEU A 362 20.59 -8.80 37.09
N SER A 363 21.19 -7.70 36.64
CA SER A 363 20.89 -6.37 37.14
C SER A 363 19.41 -6.06 36.91
N PRO A 364 18.83 -5.22 37.75
CA PRO A 364 17.56 -4.57 37.41
C PRO A 364 17.64 -3.78 36.09
N ASP A 365 18.84 -3.34 35.71
CA ASP A 365 19.04 -2.55 34.48
C ASP A 365 18.87 -3.37 33.21
N ALA A 366 19.52 -4.54 33.18
CA ALA A 366 19.39 -5.44 32.05
C ALA A 366 17.98 -6.00 32.01
N ALA A 367 17.39 -6.21 33.19
CA ALA A 367 16.04 -6.74 33.31
C ALA A 367 15.06 -5.79 32.66
N ASP A 368 15.08 -4.54 33.10
CA ASP A 368 14.24 -3.50 32.49
C ASP A 368 14.49 -3.44 30.97
N GLU A 369 15.75 -3.56 30.58
CA GLU A 369 16.15 -3.61 29.18
C GLU A 369 15.33 -4.64 28.38
N LEU A 370 15.43 -5.92 28.73
CA LEU A 370 14.75 -7.00 28.00
C LEU A 370 13.25 -6.83 27.94
N ILE A 371 12.67 -6.46 29.09
CA ILE A 371 11.25 -6.18 29.22
C ILE A 371 10.82 -5.06 28.26
N GLU A 372 11.68 -4.06 28.11
CA GLU A 372 11.39 -2.93 27.24
C GLU A 372 11.31 -3.31 25.77
N HIS A 373 12.31 -4.06 25.29
CA HIS A 373 12.35 -4.49 23.89
C HIS A 373 11.34 -5.61 23.57
N PHE A 374 11.10 -6.52 24.50
CA PHE A 374 10.37 -7.74 24.20
C PHE A 374 9.15 -8.04 25.08
N GLU A 375 8.89 -7.15 26.04
CA GLU A 375 7.71 -7.25 26.92
C GLU A 375 7.73 -8.39 27.95
N SER A 376 7.94 -9.63 27.51
CA SER A 376 7.90 -10.78 28.42
C SER A 376 8.74 -11.96 27.93
N ILE A 377 8.87 -13.01 28.75
CA ILE A 377 9.61 -14.24 28.40
C ILE A 377 9.13 -14.77 27.05
N ALA A 378 7.81 -14.80 26.90
CA ALA A 378 7.15 -15.23 25.68
C ALA A 378 7.60 -14.42 24.45
N GLY A 379 7.71 -13.11 24.62
CA GLY A 379 8.14 -12.19 23.56
C GLY A 379 9.57 -12.39 23.09
N ILE A 380 10.43 -12.83 24.00
CA ILE A 380 11.81 -13.21 23.67
C ILE A 380 11.85 -14.48 22.82
N LEU A 381 11.02 -15.46 23.18
CA LEU A 381 11.00 -16.72 22.43
C LEU A 381 10.38 -16.56 21.03
N ALA A 382 9.52 -15.55 20.86
CA ALA A 382 8.92 -15.26 19.55
C ALA A 382 9.81 -14.41 18.64
N THR A 383 11.08 -14.25 19.02
CA THR A 383 12.03 -13.45 18.24
C THR A 383 13.16 -14.31 17.66
N ASP A 384 13.48 -14.08 16.39
CA ASP A 384 14.46 -14.90 15.67
C ASP A 384 15.88 -14.73 16.18
N LEU A 385 16.53 -15.85 16.49
CA LEU A 385 17.90 -15.87 17.00
C LEU A 385 18.87 -14.97 16.23
N GLU A 386 18.67 -14.87 14.91
CA GLU A 386 19.59 -14.08 14.09
C GLU A 386 19.24 -12.60 14.09
N GLU A 387 17.96 -12.30 14.37
CA GLU A 387 17.54 -10.93 14.57
C GLU A 387 18.24 -10.40 15.84
N ILE A 388 18.16 -11.20 16.91
CA ILE A 388 18.81 -10.91 18.19
C ILE A 388 20.26 -10.48 17.94
N GLU A 389 20.95 -11.25 17.09
CA GLU A 389 22.35 -11.00 16.77
C GLU A 389 22.52 -9.69 16.01
N ARG A 390 21.72 -9.53 14.95
CA ARG A 390 21.72 -8.29 14.15
C ARG A 390 21.62 -7.04 15.04
N MET A 391 20.74 -7.11 16.04
CA MET A 391 20.55 -6.03 16.99
C MET A 391 21.84 -5.69 17.72
N TYR A 392 22.39 -6.67 18.44
CA TYR A 392 23.69 -6.54 19.11
C TYR A 392 24.79 -6.14 18.14
N GLU A 393 24.68 -6.56 16.88
CA GLU A 393 25.65 -6.22 15.84
C GLU A 393 25.80 -4.71 15.74
N GLU A 394 24.68 -4.00 15.59
CA GLU A 394 24.63 -2.54 15.57
C GLU A 394 24.50 -2.01 17.02
N GLY A 395 24.82 -2.87 17.98
CA GLY A 395 24.84 -2.52 19.41
C GLY A 395 23.60 -1.83 19.97
N ARG A 396 22.46 -2.54 19.94
CA ARG A 396 21.23 -2.07 20.59
C ARG A 396 20.99 -2.83 21.88
N LEU A 397 21.46 -4.08 21.91
CA LEU A 397 21.36 -4.88 23.10
C LEU A 397 22.73 -4.87 23.79
N SER A 398 22.73 -4.73 25.11
CA SER A 398 23.97 -4.75 25.88
C SER A 398 24.51 -6.17 25.95
N GLU A 399 25.81 -6.30 26.20
CA GLU A 399 26.41 -7.61 26.30
C GLU A 399 25.65 -8.48 27.32
N GLU A 400 25.42 -7.95 28.51
CA GLU A 400 24.68 -8.67 29.55
C GLU A 400 23.28 -9.07 29.09
N ALA A 401 22.67 -8.23 28.25
CA ALA A 401 21.31 -8.49 27.76
C ALA A 401 21.31 -9.52 26.63
N TYR A 402 22.24 -9.36 25.70
CA TYR A 402 22.41 -10.23 24.54
C TYR A 402 22.66 -11.69 24.93
N ARG A 403 23.58 -11.88 25.88
CA ARG A 403 23.92 -13.21 26.40
C ARG A 403 22.71 -13.89 27.03
N ALA A 404 21.93 -13.10 27.76
CA ALA A 404 20.75 -13.59 28.49
C ALA A 404 19.61 -14.06 27.57
N ALA A 405 19.36 -13.33 26.49
CA ALA A 405 18.32 -13.70 25.53
C ALA A 405 18.66 -15.03 24.86
N VAL A 406 19.92 -15.14 24.41
CA VAL A 406 20.47 -16.37 23.84
C VAL A 406 20.34 -17.53 24.83
N GLU A 407 20.61 -17.25 26.10
CA GLU A 407 20.39 -18.23 27.17
C GLU A 407 18.95 -18.74 27.21
N ILE A 408 18.00 -17.84 27.40
CA ILE A 408 16.58 -18.17 27.57
C ILE A 408 16.00 -18.94 26.36
N GLN A 409 16.47 -18.60 25.16
CA GLN A 409 16.00 -19.25 23.94
C GLN A 409 16.40 -20.72 23.81
N LEU A 410 17.68 -21.02 23.97
CA LEU A 410 18.18 -22.42 24.00
C LEU A 410 17.59 -23.18 25.18
N ALA A 411 17.50 -22.50 26.33
CA ALA A 411 16.86 -23.06 27.52
C ALA A 411 15.51 -23.71 27.24
N GLU A 412 14.75 -23.16 26.30
CA GLU A 412 13.44 -23.69 25.96
C GLU A 412 13.52 -25.08 25.29
N LEU A 413 14.64 -25.34 24.62
CA LEU A 413 14.88 -26.62 23.98
C LEU A 413 15.67 -27.58 24.89
N THR A 414 16.83 -27.16 25.38
CA THR A 414 17.70 -28.00 26.20
C THR A 414 17.09 -28.40 27.55
N LYS A 415 15.96 -27.77 27.90
CA LYS A 415 15.16 -28.16 29.06
C LYS A 415 14.70 -29.62 28.97
N LYS A 416 14.74 -30.19 27.77
CA LYS A 416 14.16 -31.51 27.52
C LYS A 416 15.15 -32.68 27.69
N GLU A 417 14.70 -33.87 27.29
CA GLU A 417 15.36 -35.13 27.65
C GLU A 417 16.60 -35.44 26.80
N GLY A 418 16.47 -35.37 25.48
CA GLY A 418 17.55 -35.80 24.60
C GLY A 418 18.29 -34.71 23.85
N VAL A 419 17.83 -33.47 23.98
CA VAL A 419 18.29 -32.35 23.14
C VAL A 419 19.49 -31.58 23.73
N GLY A 420 20.56 -31.46 22.93
CA GLY A 420 21.78 -30.81 23.36
C GLY A 420 21.94 -29.40 22.81
N ARG A 421 23.02 -28.74 23.22
CA ARG A 421 23.31 -27.33 22.91
C ARG A 421 23.40 -26.98 21.42
N LYS A 422 24.31 -27.62 20.70
CA LYS A 422 24.56 -27.33 19.29
C LYS A 422 23.42 -27.73 18.35
N THR A 423 22.70 -28.80 18.71
CA THR A 423 21.57 -29.28 17.93
C THR A 423 20.42 -28.26 17.99
N ALA A 424 20.23 -27.67 19.17
CA ALA A 424 19.26 -26.61 19.39
C ALA A 424 19.60 -25.36 18.57
N GLU A 425 20.89 -25.06 18.46
CA GLU A 425 21.38 -23.93 17.67
C GLU A 425 21.10 -24.08 16.17
N ARG A 426 21.44 -25.23 15.63
CA ARG A 426 21.23 -25.51 14.21
C ARG A 426 19.75 -25.40 13.86
N LEU A 427 18.90 -25.81 14.79
CA LEU A 427 17.45 -25.77 14.61
C LEU A 427 16.92 -24.35 14.55
N LEU A 428 17.41 -23.49 15.45
CA LEU A 428 17.08 -22.07 15.45
C LEU A 428 17.63 -21.35 14.22
N ARG A 429 18.70 -21.89 13.66
CA ARG A 429 19.34 -21.33 12.49
C ARG A 429 18.54 -21.68 11.23
N ALA A 430 18.05 -22.92 11.18
CA ALA A 430 17.23 -23.40 10.05
C ALA A 430 15.81 -22.84 10.04
N PHE A 431 15.24 -22.54 11.21
CA PHE A 431 13.83 -22.15 11.29
C PHE A 431 13.55 -20.85 12.05
N GLY A 432 14.60 -20.24 12.62
CA GLY A 432 14.51 -18.90 13.18
C GLY A 432 14.46 -18.82 14.68
N ASN A 433 13.42 -19.39 15.27
CA ASN A 433 13.13 -19.27 16.70
C ASN A 433 12.59 -20.59 17.28
N PRO A 434 12.61 -20.73 18.62
CA PRO A 434 12.15 -21.96 19.26
C PRO A 434 10.69 -22.29 18.97
N GLU A 435 9.80 -21.29 19.06
CA GLU A 435 8.36 -21.55 18.97
C GLU A 435 7.93 -22.13 17.63
N ARG A 436 8.52 -21.63 16.54
CA ARG A 436 8.31 -22.18 15.19
C ARG A 436 8.77 -23.64 15.11
N VAL A 437 9.87 -23.95 15.79
CA VAL A 437 10.35 -25.34 15.93
C VAL A 437 9.29 -26.22 16.61
N LYS A 438 8.73 -25.74 17.72
CA LYS A 438 7.74 -26.50 18.50
C LYS A 438 6.41 -26.59 17.76
N GLN A 439 6.09 -25.52 17.04
CA GLN A 439 4.90 -25.45 16.20
C GLN A 439 4.99 -26.50 15.07
N LEU A 440 6.18 -26.64 14.47
CA LEU A 440 6.39 -27.64 13.42
C LEU A 440 6.35 -29.07 13.94
N ALA A 441 6.76 -29.25 15.20
CA ALA A 441 6.81 -30.56 15.84
C ALA A 441 5.41 -31.04 16.19
N ARG A 442 4.52 -30.09 16.46
CA ARG A 442 3.12 -30.38 16.76
C ARG A 442 2.32 -30.56 15.48
N GLU A 443 2.83 -29.97 14.39
CA GLU A 443 2.25 -30.12 13.07
C GLU A 443 2.67 -31.44 12.40
N PHE A 444 3.61 -32.15 13.04
CA PHE A 444 4.10 -33.49 12.65
C PHE A 444 4.97 -33.58 11.38
N GLU A 445 5.55 -32.46 10.95
CA GLU A 445 6.45 -32.42 9.79
C GLU A 445 7.81 -33.04 10.17
N ILE A 446 7.90 -34.36 10.04
CA ILE A 446 9.03 -35.11 10.58
C ILE A 446 10.22 -35.20 9.62
N GLU A 447 9.93 -35.42 8.33
CA GLU A 447 10.99 -35.48 7.31
C GLU A 447 11.72 -34.14 7.21
N LYS A 448 10.96 -33.06 7.24
CA LYS A 448 11.52 -31.70 7.22
C LYS A 448 12.47 -31.46 8.41
N LEU A 449 12.11 -31.99 9.57
CA LEU A 449 12.93 -31.82 10.78
C LEU A 449 14.20 -32.68 10.80
N ALA A 450 14.06 -33.95 10.39
CA ALA A 450 15.19 -34.89 10.39
C ALA A 450 16.17 -34.64 9.23
N SER A 451 15.80 -33.71 8.36
CA SER A 451 16.68 -33.23 7.30
C SER A 451 17.78 -32.31 7.83
N VAL A 452 17.70 -31.92 9.10
CA VAL A 452 18.74 -31.13 9.76
C VAL A 452 19.76 -32.04 10.45
N GLU A 453 21.04 -31.71 10.30
CA GLU A 453 22.13 -32.51 10.87
C GLU A 453 22.16 -32.50 12.40
N GLY A 454 22.19 -33.69 12.98
CA GLY A 454 22.10 -33.86 14.43
C GLY A 454 20.73 -34.31 14.90
N VAL A 455 19.76 -34.25 13.98
CA VAL A 455 18.38 -34.62 14.28
C VAL A 455 18.11 -36.06 13.83
N GLY A 456 18.06 -36.97 14.80
CA GLY A 456 17.70 -38.36 14.55
C GLY A 456 16.50 -38.73 15.39
N GLU A 457 16.21 -40.04 15.46
CA GLU A 457 15.05 -40.55 16.22
C GLU A 457 15.06 -40.22 17.74
N ARG A 458 16.24 -39.96 18.29
CA ARG A 458 16.39 -39.65 19.71
C ARG A 458 15.80 -38.28 20.07
N VAL A 459 15.92 -37.34 19.12
CA VAL A 459 15.40 -35.98 19.30
C VAL A 459 13.93 -35.89 18.86
N LEU A 460 13.51 -36.76 17.95
CA LEU A 460 12.11 -36.81 17.50
C LEU A 460 11.21 -37.39 18.57
N ARG A 461 11.75 -38.33 19.35
CA ARG A 461 11.05 -38.93 20.48
C ARG A 461 10.91 -37.93 21.63
N SER A 462 11.74 -36.88 21.61
CA SER A 462 11.73 -35.89 22.65
C SER A 462 10.78 -34.74 22.31
N LEU A 463 10.66 -34.43 21.01
CA LEU A 463 9.91 -33.25 20.56
C LEU A 463 8.48 -33.54 20.09
N VAL A 464 8.35 -34.42 19.10
CA VAL A 464 7.04 -34.71 18.50
C VAL A 464 6.18 -35.56 19.43
N PRO A 465 5.09 -35.00 19.93
CA PRO A 465 4.19 -35.70 20.85
C PRO A 465 3.58 -36.93 20.18
N GLY A 466 3.62 -38.06 20.89
CA GLY A 466 3.10 -39.32 20.38
C GLY A 466 3.91 -39.93 19.25
N TYR A 467 5.10 -39.40 19.00
CA TYR A 467 6.01 -40.01 18.02
C TYR A 467 6.64 -41.29 18.57
N ALA A 468 7.23 -41.20 19.77
CA ALA A 468 7.75 -42.36 20.48
C ALA A 468 6.69 -43.45 20.55
N SER A 469 5.50 -43.08 21.03
CA SER A 469 4.38 -44.00 21.17
C SER A 469 4.03 -44.76 19.91
N LEU A 470 4.16 -44.11 18.76
CA LEU A 470 3.75 -44.73 17.49
C LEU A 470 4.85 -45.51 16.78
N ILE A 471 6.10 -45.06 16.88
CA ILE A 471 7.18 -45.74 16.15
C ILE A 471 7.73 -46.96 16.89
N SER A 472 7.53 -47.01 18.21
CA SER A 472 7.96 -48.15 19.01
C SER A 472 7.09 -49.38 18.76
N ILE A 473 5.94 -49.16 18.12
CA ILE A 473 5.12 -50.23 17.59
C ILE A 473 5.93 -50.95 16.53
N ARG A 474 5.90 -52.29 16.55
CA ARG A 474 6.56 -53.07 15.53
C ARG A 474 5.82 -52.87 14.20
N GLY A 475 6.57 -52.85 13.11
CA GLY A 475 5.97 -52.80 11.78
C GLY A 475 5.65 -51.42 11.21
N ILE A 476 5.64 -50.39 12.04
CA ILE A 476 5.47 -49.00 11.58
C ILE A 476 6.82 -48.28 11.54
N ASP A 477 7.04 -47.49 10.49
CA ASP A 477 8.25 -46.67 10.33
C ASP A 477 7.93 -45.15 10.34
N ARG A 478 8.98 -44.32 10.29
CA ARG A 478 8.84 -42.85 10.24
C ARG A 478 7.77 -42.37 9.25
N GLU A 479 8.08 -42.52 7.97
CA GLU A 479 7.19 -42.24 6.86
C GLU A 479 5.73 -42.56 7.20
N ARG A 480 5.51 -43.70 7.87
CA ARG A 480 4.17 -44.17 8.23
C ARG A 480 3.55 -43.40 9.39
N ALA A 481 4.35 -43.07 10.39
CA ALA A 481 3.90 -42.28 11.54
C ALA A 481 3.40 -40.91 11.10
N GLU A 482 4.11 -40.31 10.15
CA GLU A 482 3.77 -39.00 9.60
C GLU A 482 2.41 -39.02 8.93
N ARG A 483 2.16 -40.01 8.07
CA ARG A 483 0.84 -40.22 7.47
C ARG A 483 -0.28 -40.21 8.51
N LEU A 484 -0.21 -41.14 9.46
CA LEU A 484 -1.29 -41.42 10.40
C LEU A 484 -1.61 -40.26 11.34
N LEU A 485 -0.57 -39.62 11.87
CA LEU A 485 -0.73 -38.46 12.74
C LEU A 485 -1.35 -37.28 11.99
N LYS A 486 -0.92 -37.07 10.75
CA LYS A 486 -1.50 -36.04 9.89
C LYS A 486 -2.94 -36.39 9.52
N LYS A 487 -3.16 -37.63 9.12
CA LYS A 487 -4.49 -38.11 8.74
C LYS A 487 -5.55 -37.84 9.82
N TYR A 488 -5.25 -38.24 11.05
CA TYR A 488 -6.20 -38.18 12.15
C TYR A 488 -6.04 -36.94 13.02
N GLY A 489 -4.91 -36.26 12.87
CA GLY A 489 -4.56 -35.12 13.72
C GLY A 489 -4.32 -35.52 15.15
N GLY A 490 -3.05 -35.71 15.54
CA GLY A 490 -2.69 -36.04 16.91
C GLY A 490 -2.70 -37.52 17.28
N TYR A 491 -1.98 -37.86 18.34
CA TYR A 491 -1.83 -39.24 18.79
C TYR A 491 -3.14 -39.88 19.26
N SER A 492 -3.74 -39.37 20.33
CA SER A 492 -4.98 -39.94 20.91
C SER A 492 -6.11 -40.16 19.92
N LYS A 493 -6.12 -39.39 18.83
CA LYS A 493 -7.12 -39.54 17.77
C LYS A 493 -6.84 -40.76 16.90
N VAL A 494 -5.59 -41.22 16.93
CA VAL A 494 -5.22 -42.49 16.31
C VAL A 494 -5.57 -43.59 17.30
N ARG A 495 -5.22 -43.39 18.56
CA ARG A 495 -5.47 -44.38 19.61
C ARG A 495 -6.96 -44.72 19.73
N GLU A 496 -7.81 -43.72 19.54
CA GLU A 496 -9.25 -43.86 19.71
C GLU A 496 -10.02 -43.94 18.39
N ALA A 497 -9.31 -44.18 17.29
CA ALA A 497 -9.91 -44.37 15.97
C ALA A 497 -10.67 -45.70 15.88
N GLY A 498 -11.56 -45.81 14.90
CA GLY A 498 -12.34 -47.04 14.70
C GLY A 498 -11.59 -48.11 13.94
N VAL A 499 -11.88 -49.38 14.24
CA VAL A 499 -11.15 -50.53 13.68
C VAL A 499 -11.27 -50.64 12.15
N GLU A 500 -12.45 -50.35 11.63
CA GLU A 500 -12.71 -50.25 10.19
C GLU A 500 -11.75 -49.26 9.53
N GLU A 501 -11.65 -48.06 10.11
CA GLU A 501 -10.79 -47.00 9.62
C GLU A 501 -9.32 -47.42 9.61
N LEU A 502 -8.87 -48.06 10.68
CA LEU A 502 -7.47 -48.37 10.87
C LEU A 502 -6.98 -49.55 10.03
N ARG A 503 -7.88 -50.49 9.75
CA ARG A 503 -7.57 -51.61 8.88
C ARG A 503 -7.60 -51.14 7.43
N GLU A 504 -8.40 -50.10 7.18
CA GLU A 504 -8.45 -49.39 5.90
C GLU A 504 -7.09 -48.76 5.57
N ASP A 505 -6.36 -48.36 6.61
CA ASP A 505 -4.99 -47.84 6.48
C ASP A 505 -3.95 -48.97 6.40
N GLY A 506 -4.44 -50.20 6.30
CA GLY A 506 -3.57 -51.37 6.15
C GLY A 506 -2.89 -51.84 7.42
N LEU A 507 -3.42 -51.45 8.58
CA LEU A 507 -2.88 -51.87 9.87
C LEU A 507 -3.50 -53.18 10.36
N THR A 508 -2.64 -54.08 10.85
CA THR A 508 -3.04 -55.41 11.29
C THR A 508 -3.54 -55.39 12.74
N ASP A 509 -4.19 -56.47 13.13
CA ASP A 509 -4.74 -56.62 14.48
C ASP A 509 -3.68 -56.58 15.58
N ALA A 510 -2.50 -57.12 15.29
CA ALA A 510 -1.41 -57.11 16.26
C ALA A 510 -1.11 -55.67 16.68
N GLN A 511 -0.97 -54.82 15.66
CA GLN A 511 -0.71 -53.39 15.82
C GLN A 511 -1.83 -52.66 16.56
N ILE A 512 -3.08 -52.93 16.17
CA ILE A 512 -4.26 -52.31 16.79
C ILE A 512 -4.40 -52.64 18.29
N ARG A 513 -4.26 -53.91 18.65
CA ARG A 513 -4.28 -54.32 20.07
C ARG A 513 -3.34 -53.48 20.90
N GLU A 514 -2.09 -53.39 20.44
CA GLU A 514 -1.03 -52.67 21.16
C GLU A 514 -1.29 -51.17 21.16
N LEU A 515 -1.81 -50.66 20.04
CA LEU A 515 -2.19 -49.26 19.95
C LEU A 515 -3.24 -48.91 21.00
N LYS A 516 -4.34 -49.65 21.03
CA LYS A 516 -5.34 -49.53 22.09
C LYS A 516 -4.76 -49.88 23.47
N GLY A 517 -3.74 -50.74 23.47
CA GLY A 517 -3.05 -51.15 24.69
C GLY A 517 -3.73 -52.30 25.42
N LEU A 518 -4.27 -53.24 24.64
CA LEU A 518 -5.02 -54.38 25.18
C LEU A 518 -4.18 -55.64 25.20
N LEU B 3 26.22 5.42 -18.56
CA LEU B 3 25.27 6.53 -18.27
C LEU B 3 24.52 6.21 -16.97
N VAL B 4 24.54 7.16 -16.04
CA VAL B 4 24.12 6.89 -14.66
C VAL B 4 22.60 6.76 -14.52
N TYR B 5 22.20 5.77 -13.73
CA TYR B 5 20.84 5.59 -13.25
C TYR B 5 20.95 5.43 -11.75
N ASP B 6 20.10 6.13 -10.98
CA ASP B 6 20.14 6.06 -9.51
C ASP B 6 18.98 6.76 -8.80
N ALA B 7 18.70 6.31 -7.57
CA ALA B 7 17.69 6.91 -6.70
C ALA B 7 17.94 6.64 -5.21
N GLU B 8 17.29 7.41 -4.34
CA GLU B 8 17.46 7.29 -2.89
C GLU B 8 16.13 7.27 -2.14
N PHE B 9 15.95 6.27 -1.28
CA PHE B 9 14.71 6.08 -0.53
C PHE B 9 14.73 6.81 0.81
N VAL B 10 13.76 7.70 1.05
CA VAL B 10 13.71 8.50 2.28
C VAL B 10 12.44 8.31 3.11
N GLY B 11 11.64 7.30 2.77
CA GLY B 11 10.41 6.99 3.49
C GLY B 11 10.68 6.14 4.73
N SER B 12 9.61 5.79 5.44
CA SER B 12 9.73 5.04 6.70
C SER B 12 10.05 3.58 6.46
N GLU B 13 10.54 2.93 7.52
CA GLU B 13 10.86 1.50 7.50
C GLU B 13 9.69 0.64 7.01
N ARG B 14 8.49 0.97 7.47
CA ARG B 14 7.28 0.24 7.12
C ARG B 14 6.87 0.52 5.66
N GLU B 15 7.03 1.78 5.23
CA GLU B 15 6.72 2.21 3.86
C GLU B 15 7.70 1.60 2.86
N PHE B 16 8.91 1.33 3.32
CA PHE B 16 9.94 0.68 2.52
C PHE B 16 9.51 -0.70 2.04
N GLU B 17 9.02 -1.52 2.96
CA GLU B 17 8.55 -2.88 2.65
C GLU B 17 7.37 -2.91 1.69
N GLU B 18 6.43 -1.99 1.91
CA GLU B 18 5.24 -1.87 1.07
C GLU B 18 5.59 -1.63 -0.40
N GLU B 19 6.56 -0.74 -0.65
CA GLU B 19 7.02 -0.43 -2.02
C GLU B 19 7.61 -1.62 -2.78
N ARG B 20 8.39 -2.43 -2.09
CA ARG B 20 9.03 -3.61 -2.67
C ARG B 20 8.01 -4.65 -3.09
N GLU B 21 7.00 -4.85 -2.25
CA GLU B 21 5.90 -5.78 -2.56
C GLU B 21 5.22 -5.40 -3.88
N THR B 22 5.00 -4.10 -4.07
CA THR B 22 4.41 -3.59 -5.30
C THR B 22 5.35 -3.79 -6.51
N PHE B 23 6.60 -3.33 -6.39
CA PHE B 23 7.59 -3.44 -7.47
C PHE B 23 7.75 -4.87 -7.98
N LEU B 24 7.98 -5.82 -7.07
CA LEU B 24 8.19 -7.20 -7.45
C LEU B 24 6.99 -7.84 -8.19
N LYS B 25 5.77 -7.46 -7.79
CA LYS B 25 4.56 -7.93 -8.49
C LYS B 25 4.54 -7.44 -9.94
N GLY B 26 4.88 -6.16 -10.13
CA GLY B 26 4.94 -5.55 -11.48
C GLY B 26 5.91 -6.24 -12.44
N VAL B 27 7.04 -6.71 -11.88
CA VAL B 27 8.03 -7.48 -12.63
C VAL B 27 7.46 -8.85 -13.01
N LYS B 28 6.72 -9.44 -12.08
CA LYS B 28 6.02 -10.69 -12.30
C LYS B 28 5.01 -10.56 -13.44
N ALA B 29 4.30 -9.43 -13.48
CA ALA B 29 3.34 -9.15 -14.55
C ALA B 29 4.01 -8.86 -15.89
N TYR B 30 5.09 -8.07 -15.89
CA TYR B 30 5.79 -7.74 -17.13
C TYR B 30 6.49 -8.94 -17.78
N ASP B 31 6.90 -9.92 -16.97
CA ASP B 31 7.44 -11.18 -17.48
C ASP B 31 6.39 -11.97 -18.25
N GLY B 32 5.13 -11.78 -17.87
CA GLY B 32 4.00 -12.29 -18.65
C GLY B 32 4.01 -11.72 -20.06
N VAL B 33 4.03 -10.39 -20.15
CA VAL B 33 4.09 -9.68 -21.43
C VAL B 33 5.20 -10.23 -22.34
N LEU B 34 6.35 -10.57 -21.77
CA LEU B 34 7.51 -11.03 -22.54
C LEU B 34 7.41 -12.49 -23.00
N ALA B 35 6.91 -13.35 -22.11
CA ALA B 35 6.75 -14.78 -22.42
C ALA B 35 5.73 -14.98 -23.53
N THR B 36 4.66 -14.21 -23.49
CA THR B 36 3.63 -14.24 -24.52
C THR B 36 4.19 -13.89 -25.89
N ARG B 37 5.07 -12.89 -25.92
CA ARG B 37 5.69 -12.45 -27.17
C ARG B 37 6.66 -13.49 -27.74
N TYR B 38 7.49 -14.06 -26.86
CA TYR B 38 8.38 -15.17 -27.20
C TYR B 38 7.60 -16.25 -27.95
N LEU B 39 6.43 -16.60 -27.40
CA LEU B 39 5.56 -17.63 -27.96
C LEU B 39 5.07 -17.35 -29.38
N MET B 40 4.55 -16.15 -29.61
CA MET B 40 3.93 -15.82 -30.89
C MET B 40 4.88 -15.69 -32.08
N GLU B 41 6.10 -15.20 -31.82
CA GLU B 41 7.16 -15.11 -32.84
C GLU B 41 7.67 -16.48 -33.31
N ARG B 42 7.24 -17.55 -32.64
CA ARG B 42 7.74 -18.89 -32.95
C ARG B 42 7.11 -19.53 -34.17
N SER B 43 5.87 -19.16 -34.51
CA SER B 43 5.17 -19.72 -35.67
C SER B 43 4.06 -18.85 -36.24
N SER B 44 3.58 -19.24 -37.42
CA SER B 44 2.42 -18.64 -38.07
C SER B 44 1.14 -18.82 -37.24
N SER B 45 0.88 -20.05 -36.80
CA SER B 45 -0.30 -20.37 -35.99
C SER B 45 -0.30 -19.63 -34.65
N ALA B 46 0.87 -19.57 -34.02
CA ALA B 46 1.05 -18.88 -32.74
C ALA B 46 0.69 -17.40 -32.85
N LYS B 47 1.11 -16.77 -33.96
CA LYS B 47 0.83 -15.36 -34.20
C LYS B 47 -0.64 -15.05 -34.48
N ASN B 48 -1.45 -16.10 -34.58
CA ASN B 48 -2.85 -15.95 -34.98
C ASN B 48 -3.83 -16.69 -34.07
N ASP B 49 -3.30 -17.22 -32.97
CA ASP B 49 -4.09 -17.86 -31.92
C ASP B 49 -4.77 -16.76 -31.10
N GLU B 50 -6.10 -16.71 -31.14
CA GLU B 50 -6.84 -15.64 -30.47
C GLU B 50 -6.77 -15.65 -28.93
N GLU B 51 -6.80 -16.83 -28.32
CA GLU B 51 -6.72 -16.88 -26.86
C GLU B 51 -5.31 -16.48 -26.37
N LEU B 52 -4.33 -16.54 -27.28
CA LEU B 52 -2.97 -16.07 -27.02
C LEU B 52 -2.87 -14.54 -26.99
N LEU B 53 -3.51 -13.87 -27.94
CA LEU B 53 -3.51 -12.41 -28.00
C LEU B 53 -4.22 -11.81 -26.79
N GLU B 54 -5.31 -12.47 -26.38
CA GLU B 54 -6.13 -11.98 -25.27
C GLU B 54 -5.40 -12.10 -23.93
N LEU B 55 -4.61 -13.15 -23.76
CA LEU B 55 -3.86 -13.34 -22.51
C LEU B 55 -2.74 -12.30 -22.45
N HIS B 56 -2.06 -12.12 -23.58
CA HIS B 56 -1.04 -11.09 -23.74
C HIS B 56 -1.49 -9.73 -23.18
N GLN B 57 -2.72 -9.36 -23.52
CA GLN B 57 -3.28 -8.07 -23.13
C GLN B 57 -3.55 -7.93 -21.63
N ASN B 58 -4.04 -9.00 -21.01
CA ASN B 58 -4.35 -8.98 -19.59
C ASN B 58 -3.11 -8.78 -18.72
N PHE B 59 -1.98 -9.29 -19.20
CA PHE B 59 -0.68 -9.03 -18.57
C PHE B 59 -0.30 -7.56 -18.66
N ILE B 60 -0.50 -6.97 -19.84
CA ILE B 60 -0.22 -5.56 -20.05
C ILE B 60 -1.03 -4.70 -19.07
N LEU B 61 -2.31 -5.03 -18.88
CA LEU B 61 -3.18 -4.27 -17.97
C LEU B 61 -2.72 -4.34 -16.51
N LEU B 62 -2.31 -5.53 -16.08
CA LEU B 62 -1.85 -5.74 -14.71
C LEU B 62 -0.53 -5.04 -14.45
N THR B 63 0.36 -5.08 -15.45
CA THR B 63 1.62 -4.35 -15.40
C THR B 63 1.34 -2.87 -15.12
N GLY B 64 0.40 -2.28 -15.87
CA GLY B 64 -0.04 -0.91 -15.66
C GLY B 64 -0.61 -0.65 -14.28
N SER B 65 -1.36 -1.60 -13.75
CA SER B 65 -2.03 -1.46 -12.46
C SER B 65 -1.08 -1.27 -11.28
N TYR B 66 -0.05 -2.10 -11.19
CA TYR B 66 0.91 -2.04 -10.08
C TYR B 66 1.81 -0.81 -10.13
N ALA B 67 2.15 -0.39 -11.35
CA ALA B 67 2.96 0.79 -11.57
C ALA B 67 2.23 2.06 -11.13
N CYS B 68 0.90 2.02 -11.21
CA CYS B 68 0.03 3.08 -10.68
C CYS B 68 0.17 3.22 -9.17
N SER B 69 0.59 2.13 -8.53
CA SER B 69 0.63 2.07 -7.07
C SER B 69 1.98 2.44 -6.44
N ILE B 70 2.98 2.73 -7.29
CA ILE B 70 4.29 3.13 -6.78
C ILE B 70 4.27 4.57 -6.28
N ASP B 71 4.81 4.77 -5.08
CA ASP B 71 4.93 6.08 -4.42
C ASP B 71 3.59 6.80 -4.23
N PRO B 72 2.72 6.25 -3.38
CA PRO B 72 1.37 6.79 -3.15
C PRO B 72 1.39 8.17 -2.50
N THR B 73 2.37 8.42 -1.62
CA THR B 73 2.42 9.65 -0.83
C THR B 73 3.23 10.77 -1.51
N GLU B 74 3.79 10.44 -2.68
CA GLU B 74 4.58 11.35 -3.53
C GLU B 74 5.82 11.98 -2.86
N ASP B 75 6.46 11.23 -1.96
CA ASP B 75 7.66 11.72 -1.26
C ASP B 75 8.54 10.64 -0.60
N ARG B 76 8.35 9.39 -0.98
CA ARG B 76 9.19 8.29 -0.46
C ARG B 76 10.58 8.22 -1.11
N TYR B 77 10.79 9.00 -2.17
CA TYR B 77 12.05 9.01 -2.92
C TYR B 77 12.64 10.42 -3.06
N GLN B 78 13.95 10.47 -3.31
CA GLN B 78 14.62 11.69 -3.80
C GLN B 78 15.91 11.39 -4.59
N ASN B 79 16.35 12.38 -5.38
CA ASN B 79 17.51 12.26 -6.28
C ASN B 79 17.37 11.17 -7.34
N VAL B 80 16.26 11.22 -8.09
CA VAL B 80 16.02 10.26 -9.18
C VAL B 80 16.70 10.72 -10.48
N ILE B 81 17.68 9.93 -10.93
CA ILE B 81 18.45 10.23 -12.13
C ILE B 81 18.31 9.15 -13.21
N VAL B 82 17.97 9.59 -14.43
CA VAL B 82 17.91 8.70 -15.59
C VAL B 82 18.84 9.21 -16.69
N ARG B 83 19.83 8.38 -17.05
CA ARG B 83 20.90 8.69 -18.01
C ARG B 83 21.57 10.07 -17.80
N GLY B 84 21.87 10.39 -16.54
CA GLY B 84 22.56 11.62 -16.19
C GLY B 84 21.72 12.85 -15.88
N VAL B 85 20.41 12.67 -15.73
CA VAL B 85 19.46 13.80 -15.55
C VAL B 85 18.57 13.65 -14.31
N ASN B 86 18.58 14.67 -13.45
CA ASN B 86 17.77 14.67 -12.21
C ASN B 86 16.28 14.98 -12.43
N PHE B 87 15.47 13.96 -12.22
CA PHE B 87 14.04 14.02 -12.49
C PHE B 87 13.22 14.75 -11.41
N ASP B 88 13.77 14.91 -10.21
CA ASP B 88 13.10 15.70 -9.17
C ASP B 88 12.82 17.09 -9.70
N GLU B 89 13.86 17.69 -10.29
CA GLU B 89 13.80 19.06 -10.79
C GLU B 89 12.83 19.16 -11.96
N ARG B 90 12.80 18.11 -12.78
CA ARG B 90 11.84 17.99 -13.87
C ARG B 90 10.41 18.13 -13.38
N VAL B 91 10.07 17.41 -12.32
CA VAL B 91 8.69 17.38 -11.83
C VAL B 91 8.32 18.67 -11.08
N GLN B 92 9.26 19.19 -10.28
CA GLN B 92 9.09 20.44 -9.50
C GLN B 92 8.65 21.64 -10.33
N ARG B 93 9.11 21.68 -11.58
CA ARG B 93 8.82 22.81 -12.47
C ARG B 93 7.49 22.66 -13.20
N LEU B 94 6.98 21.43 -13.28
CA LEU B 94 5.67 21.16 -13.88
C LEU B 94 4.56 21.63 -12.93
N SER B 95 3.52 22.21 -13.51
CA SER B 95 2.50 22.92 -12.73
C SER B 95 1.71 22.07 -11.72
N THR B 96 1.70 20.76 -11.93
CA THR B 96 0.94 19.83 -11.08
C THR B 96 1.85 19.01 -10.18
N GLY B 97 3.16 19.23 -10.34
CA GLY B 97 4.17 18.46 -9.61
C GLY B 97 3.89 16.99 -9.71
N GLY B 98 4.03 16.28 -8.59
CA GLY B 98 3.78 14.84 -8.54
C GLY B 98 5.01 14.02 -8.23
N SER B 99 4.85 12.70 -8.26
CA SER B 99 5.90 11.74 -7.91
C SER B 99 6.94 11.55 -9.02
N PRO B 100 8.21 11.81 -8.71
CA PRO B 100 9.28 11.67 -9.69
C PRO B 100 9.63 10.20 -9.96
N ALA B 101 9.06 9.30 -9.16
CA ALA B 101 9.27 7.86 -9.34
C ALA B 101 8.43 7.29 -10.49
N ARG B 102 7.14 7.60 -10.50
CA ARG B 102 6.26 7.17 -11.59
C ARG B 102 6.60 7.87 -12.91
N TYR B 103 7.06 9.12 -12.81
CA TYR B 103 7.49 9.87 -13.98
C TYR B 103 8.68 9.18 -14.63
N ALA B 104 9.52 8.58 -13.79
CA ALA B 104 10.72 7.84 -14.22
C ALA B 104 10.38 6.55 -14.94
N ILE B 105 9.27 5.92 -14.56
CA ILE B 105 8.88 4.62 -15.13
C ILE B 105 8.27 4.71 -16.54
N VAL B 106 7.81 5.89 -16.94
CA VAL B 106 7.25 6.05 -18.28
C VAL B 106 8.32 6.07 -19.40
N TYR B 107 9.61 6.08 -19.03
CA TYR B 107 10.70 6.10 -20.00
C TYR B 107 11.37 4.74 -20.18
N ARG B 108 11.85 4.46 -21.38
CA ARG B 108 12.60 3.24 -21.67
C ARG B 108 13.80 3.09 -20.74
N ARG B 109 13.73 2.06 -19.90
CA ARG B 109 14.77 1.71 -18.90
C ARG B 109 14.82 2.63 -17.67
N GLY B 110 13.80 3.44 -17.50
CA GLY B 110 13.65 4.27 -16.29
C GLY B 110 13.62 3.46 -14.99
N TRP B 111 13.09 2.25 -15.06
CA TRP B 111 12.99 1.35 -13.91
C TRP B 111 14.31 1.08 -13.18
N ARG B 112 15.43 1.31 -13.85
CA ARG B 112 16.76 1.09 -13.27
C ARG B 112 17.02 1.99 -12.06
N ALA B 113 16.60 3.25 -12.15
CA ALA B 113 16.74 4.18 -11.03
C ALA B 113 16.02 3.65 -9.79
N ILE B 114 14.76 3.23 -9.97
CA ILE B 114 13.90 2.75 -8.89
C ILE B 114 14.40 1.46 -8.25
N ALA B 115 14.81 0.51 -9.09
CA ALA B 115 15.29 -0.79 -8.63
C ALA B 115 16.58 -0.70 -7.79
N LYS B 116 17.40 0.32 -8.02
CA LYS B 116 18.57 0.55 -7.18
C LYS B 116 18.14 0.96 -5.79
N ALA B 117 17.30 1.99 -5.70
CA ALA B 117 16.80 2.50 -4.43
C ALA B 117 16.11 1.44 -3.57
N LEU B 118 15.43 0.49 -4.20
CA LEU B 118 14.74 -0.58 -3.46
C LEU B 118 15.60 -1.85 -3.35
N ASP B 119 16.83 -1.78 -3.84
CA ASP B 119 17.79 -2.90 -3.76
C ASP B 119 17.25 -4.20 -4.36
N ILE B 120 16.59 -4.10 -5.50
CA ILE B 120 15.97 -5.26 -6.14
C ILE B 120 17.02 -6.18 -6.78
N ASP B 121 17.01 -7.45 -6.40
CA ASP B 121 18.06 -8.40 -6.81
C ASP B 121 17.49 -9.79 -7.04
N GLU B 122 16.21 -9.95 -6.71
CA GLU B 122 15.50 -11.23 -6.75
C GLU B 122 15.48 -11.87 -8.13
N GLU B 123 15.82 -11.09 -9.15
CA GLU B 123 15.62 -11.50 -10.53
C GLU B 123 16.61 -10.80 -11.46
N ASP B 124 17.01 -11.46 -12.54
CA ASP B 124 17.82 -10.77 -13.54
C ASP B 124 16.97 -9.82 -14.37
N VAL B 125 17.60 -8.70 -14.76
CA VAL B 125 16.95 -7.63 -15.55
C VAL B 125 15.51 -7.36 -15.05
N PRO B 126 15.37 -6.79 -13.85
CA PRO B 126 14.05 -6.63 -13.23
C PRO B 126 13.30 -5.44 -13.86
N ALA B 127 12.86 -5.61 -15.10
CA ALA B 127 12.25 -4.52 -15.84
C ALA B 127 10.74 -4.40 -15.60
N ILE B 128 10.30 -3.16 -15.44
CA ILE B 128 8.92 -2.81 -15.64
C ILE B 128 8.91 -1.76 -16.75
N GLU B 129 8.23 -2.09 -17.84
CA GLU B 129 8.09 -1.18 -18.98
C GLU B 129 6.62 -1.03 -19.27
N VAL B 130 6.21 0.16 -19.72
CA VAL B 130 4.80 0.41 -20.00
C VAL B 130 4.57 1.17 -21.31
N ARG B 131 5.33 0.83 -22.34
CA ARG B 131 5.14 1.53 -23.61
C ARG B 131 4.70 0.67 -24.80
N ALA B 132 4.03 -0.44 -24.53
CA ALA B 132 3.47 -1.31 -25.57
C ALA B 132 2.45 -0.58 -26.44
N VAL B 133 2.62 -0.66 -27.76
CA VAL B 133 1.83 0.15 -28.70
C VAL B 133 0.85 -0.68 -29.52
N LYS B 134 1.37 -1.50 -30.42
CA LYS B 134 0.55 -2.26 -31.38
C LYS B 134 -0.53 -3.13 -30.75
N ARG B 135 -0.18 -3.88 -29.70
CA ARG B 135 -1.11 -4.82 -29.08
C ARG B 135 -1.66 -4.34 -27.73
N ASN B 136 -1.79 -3.03 -27.57
CA ASN B 136 -2.33 -2.45 -26.33
C ASN B 136 -3.86 -2.51 -26.33
N PRO B 137 -4.45 -3.06 -25.26
CA PRO B 137 -5.90 -2.91 -25.04
C PRO B 137 -6.38 -1.45 -25.05
N LEU B 138 -5.80 -0.58 -24.23
CA LEU B 138 -6.20 0.83 -24.20
C LEU B 138 -5.56 1.65 -25.33
N GLN B 139 -6.08 2.86 -25.54
CA GLN B 139 -5.40 3.88 -26.31
C GLN B 139 -4.03 4.10 -25.67
N PRO B 140 -2.96 3.86 -26.42
CA PRO B 140 -1.59 3.83 -25.85
C PRO B 140 -1.21 5.05 -24.98
N ALA B 141 -1.21 6.25 -25.57
CA ALA B 141 -0.87 7.48 -24.86
C ALA B 141 -1.55 7.58 -23.49
N LEU B 142 -2.88 7.41 -23.49
CA LEU B 142 -3.68 7.40 -22.27
C LEU B 142 -3.20 6.39 -21.20
N TYR B 143 -2.79 5.19 -21.63
CA TYR B 143 -2.24 4.17 -20.75
C TYR B 143 -1.07 4.74 -19.97
N ARG B 144 -0.16 5.42 -20.67
CA ARG B 144 1.00 6.04 -20.04
C ARG B 144 0.68 7.13 -18.99
N ILE B 145 -0.29 8.01 -19.27
CA ILE B 145 -0.65 9.09 -18.34
C ILE B 145 -1.43 8.62 -17.11
N LEU B 146 -2.05 7.45 -17.19
CA LEU B 146 -2.68 6.81 -16.02
C LEU B 146 -1.62 6.45 -14.96
N VAL B 147 -0.48 5.97 -15.43
CA VAL B 147 0.60 5.59 -14.53
C VAL B 147 1.25 6.83 -13.91
N ARG B 148 1.47 7.85 -14.73
CA ARG B 148 2.07 9.10 -14.27
C ARG B 148 1.31 9.73 -13.08
N TYR B 149 -0.02 9.72 -13.13
CA TYR B 149 -0.80 10.27 -12.01
C TYR B 149 -1.29 9.24 -10.98
N GLY B 150 -0.72 8.03 -11.03
CA GLY B 150 -1.02 6.98 -10.06
C GLY B 150 -2.48 6.63 -9.96
N ARG B 151 -3.11 6.42 -11.11
CA ARG B 151 -4.55 6.25 -11.16
C ARG B 151 -5.00 4.80 -10.99
N VAL B 152 -4.72 4.25 -9.81
CA VAL B 152 -5.07 2.85 -9.50
C VAL B 152 -6.56 2.58 -9.77
N ASP B 153 -7.40 3.54 -9.38
CA ASP B 153 -8.85 3.45 -9.52
C ASP B 153 -9.33 3.41 -10.98
N LEU B 154 -8.64 4.14 -11.85
CA LEU B 154 -9.06 4.29 -13.24
C LEU B 154 -8.57 3.19 -14.16
N MET B 155 -7.41 2.62 -13.85
CA MET B 155 -6.81 1.55 -14.65
C MET B 155 -7.63 0.27 -14.50
N PRO B 156 -8.19 -0.22 -15.60
CA PRO B 156 -8.94 -1.48 -15.59
C PRO B 156 -8.00 -2.66 -15.44
N VAL B 157 -8.48 -3.75 -14.85
CA VAL B 157 -7.64 -4.92 -14.55
C VAL B 157 -8.05 -6.20 -15.31
N THR B 158 -8.92 -6.06 -16.32
CA THR B 158 -9.33 -7.17 -17.20
C THR B 158 -9.91 -6.66 -18.54
N VAL B 159 -9.53 -7.31 -19.64
CA VAL B 159 -9.98 -6.91 -20.98
C VAL B 159 -11.49 -6.73 -21.03
N ASP B 160 -12.18 -7.65 -20.36
CA ASP B 160 -13.63 -7.64 -20.23
C ASP B 160 -14.18 -6.30 -19.68
N GLU B 161 -13.46 -5.72 -18.72
CA GLU B 161 -13.88 -4.50 -18.01
C GLU B 161 -13.50 -3.18 -18.70
N VAL B 162 -12.67 -3.27 -19.74
CA VAL B 162 -12.21 -2.09 -20.48
C VAL B 162 -13.37 -1.47 -21.28
N PRO B 163 -13.67 -0.21 -20.99
CA PRO B 163 -14.73 0.53 -21.69
C PRO B 163 -14.31 0.98 -23.10
N PRO B 164 -15.25 1.03 -24.05
CA PRO B 164 -14.98 1.58 -25.40
C PRO B 164 -14.36 2.99 -25.38
N GLU B 165 -14.60 3.77 -24.33
CA GLU B 165 -14.05 5.13 -24.25
C GLU B 165 -12.59 5.23 -23.77
N MET B 166 -12.01 4.11 -23.35
CA MET B 166 -10.57 4.06 -23.08
C MET B 166 -9.83 3.38 -24.23
N ALA B 167 -10.59 2.91 -25.22
CA ALA B 167 -10.04 2.20 -26.37
C ALA B 167 -10.65 2.67 -27.71
N GLY B 168 -11.67 1.98 -28.19
CA GLY B 168 -12.31 2.26 -29.48
C GLY B 168 -12.79 3.68 -29.72
N GLU B 169 -13.61 4.20 -28.80
CA GLU B 169 -14.02 5.61 -28.83
C GLU B 169 -13.43 6.41 -27.67
N PHE B 170 -12.11 6.53 -27.67
CA PHE B 170 -11.38 7.34 -26.71
C PHE B 170 -11.91 8.77 -26.67
N GLU B 171 -12.52 9.19 -27.77
CA GLU B 171 -12.91 10.58 -27.93
C GLU B 171 -14.11 11.01 -27.08
N ARG B 172 -15.02 10.08 -26.77
CA ARG B 172 -16.09 10.41 -25.82
C ARG B 172 -15.57 10.84 -24.44
N LEU B 173 -14.38 10.37 -24.08
CA LEU B 173 -13.76 10.75 -22.80
C LEU B 173 -13.28 12.20 -22.77
N ILE B 174 -12.70 12.65 -23.87
CA ILE B 174 -12.35 14.08 -24.04
C ILE B 174 -13.62 14.94 -24.00
N GLU B 175 -14.64 14.48 -24.70
CA GLU B 175 -15.96 15.09 -24.80
C GLU B 175 -16.65 15.33 -23.43
N ARG B 176 -16.67 14.28 -22.60
CA ARG B 176 -17.37 14.29 -21.31
C ARG B 176 -16.90 15.35 -20.32
N TYR B 177 -15.70 15.88 -20.52
CA TYR B 177 -15.11 16.79 -19.55
C TYR B 177 -14.79 18.19 -20.08
N ASP B 178 -15.27 18.49 -21.28
CA ASP B 178 -15.21 19.84 -21.86
C ASP B 178 -13.77 20.40 -21.91
N VAL B 179 -12.86 19.53 -22.34
CA VAL B 179 -11.43 19.85 -22.39
C VAL B 179 -11.08 20.62 -23.67
N PRO B 180 -10.42 21.77 -23.51
CA PRO B 180 -10.02 22.60 -24.64
C PRO B 180 -8.84 21.99 -25.40
N ILE B 181 -8.90 22.05 -26.74
CA ILE B 181 -7.88 21.46 -27.62
C ILE B 181 -7.36 22.50 -28.61
N ASP B 182 -6.07 22.49 -28.90
CA ASP B 182 -5.51 23.47 -29.84
C ASP B 182 -5.34 22.91 -31.27
N GLU B 183 -4.81 23.75 -32.16
CA GLU B 183 -4.69 23.43 -33.60
C GLU B 183 -3.87 22.18 -33.86
N LYS B 184 -2.63 22.18 -33.39
CA LYS B 184 -1.72 21.05 -33.57
C LYS B 184 -2.41 19.77 -33.12
N GLU B 185 -2.95 19.81 -31.91
CA GLU B 185 -3.66 18.68 -31.29
C GLU B 185 -4.81 18.17 -32.18
N GLU B 186 -5.50 19.08 -32.88
CA GLU B 186 -6.57 18.70 -33.80
C GLU B 186 -6.06 17.97 -35.04
N ARG B 187 -4.87 18.34 -35.50
CA ARG B 187 -4.26 17.63 -36.63
C ARG B 187 -3.85 16.21 -36.23
N ILE B 188 -3.35 16.03 -35.01
CA ILE B 188 -3.00 14.70 -34.50
C ILE B 188 -4.22 13.77 -34.49
N LEU B 189 -5.30 14.20 -33.80
CA LEU B 189 -6.51 13.41 -33.62
C LEU B 189 -7.13 12.85 -34.90
N GLU B 190 -6.99 13.60 -36.00
CA GLU B 190 -7.44 13.13 -37.31
C GLU B 190 -6.89 11.75 -37.64
N ILE B 191 -5.56 11.64 -37.67
CA ILE B 191 -4.86 10.35 -37.89
C ILE B 191 -5.35 9.29 -36.91
N LEU B 192 -5.47 9.66 -35.63
CA LEU B 192 -5.92 8.75 -34.57
C LEU B 192 -7.36 8.30 -34.75
N ARG B 193 -8.19 9.14 -35.37
CA ARG B 193 -9.59 8.80 -35.61
C ARG B 193 -9.76 7.56 -36.49
N GLU B 194 -8.88 7.43 -37.49
CA GLU B 194 -8.90 6.25 -38.36
C GLU B 194 -8.21 5.07 -37.69
N ASN B 195 -7.07 5.33 -37.06
CA ASN B 195 -6.32 4.32 -36.34
C ASN B 195 -5.77 4.88 -35.02
N PRO B 196 -6.44 4.57 -33.92
CA PRO B 196 -6.02 4.99 -32.58
C PRO B 196 -4.73 4.32 -32.10
N TRP B 197 -4.24 3.35 -32.86
CA TRP B 197 -3.00 2.66 -32.53
C TRP B 197 -1.88 2.97 -33.54
N THR B 198 -1.90 4.18 -34.12
CA THR B 198 -0.83 4.66 -35.00
C THR B 198 0.40 5.11 -34.18
N PRO B 199 1.56 4.51 -34.45
CA PRO B 199 2.83 4.93 -33.79
C PRO B 199 3.14 6.42 -33.98
N HIS B 200 3.75 7.03 -32.96
CA HIS B 200 3.95 8.48 -32.94
C HIS B 200 4.93 8.98 -34.01
N ASP B 201 5.95 8.18 -34.30
CA ASP B 201 6.93 8.51 -35.34
C ASP B 201 6.29 8.54 -36.73
N GLU B 202 5.33 7.64 -36.94
CA GLU B 202 4.65 7.54 -38.22
C GLU B 202 3.73 8.73 -38.42
N ILE B 203 3.00 9.10 -37.37
CA ILE B 203 2.20 10.32 -37.36
C ILE B 203 3.09 11.51 -37.67
N ALA B 204 4.27 11.55 -37.03
CA ALA B 204 5.23 12.62 -37.22
C ALA B 204 5.67 12.75 -38.67
N ARG B 205 5.97 11.62 -39.30
CA ARG B 205 6.38 11.56 -40.70
C ARG B 205 5.33 12.17 -41.62
N ARG B 206 4.07 11.79 -41.41
CA ARG B 206 2.97 12.18 -42.28
C ARG B 206 2.40 13.57 -42.00
N LEU B 207 2.94 14.25 -40.99
CA LEU B 207 2.53 15.62 -40.69
C LEU B 207 3.70 16.59 -40.82
N GLY B 208 4.87 16.07 -41.16
CA GLY B 208 6.09 16.87 -41.26
C GLY B 208 6.45 17.52 -39.94
N LEU B 209 6.43 16.73 -38.87
CA LEU B 209 6.76 17.21 -37.53
C LEU B 209 7.72 16.25 -36.85
N SER B 210 8.54 16.77 -35.94
CA SER B 210 9.39 15.93 -35.09
C SER B 210 8.55 15.14 -34.08
N VAL B 211 9.16 14.16 -33.43
CA VAL B 211 8.45 13.32 -32.47
C VAL B 211 8.05 14.07 -31.20
N SER B 212 8.91 14.97 -30.72
CA SER B 212 8.62 15.67 -29.46
C SER B 212 7.52 16.74 -29.53
N GLU B 213 7.31 17.32 -30.71
CA GLU B 213 6.17 18.24 -30.86
C GLU B 213 4.83 17.49 -30.93
N VAL B 214 4.87 16.24 -31.40
CA VAL B 214 3.70 15.33 -31.35
C VAL B 214 3.33 14.99 -29.89
N GLU B 215 4.32 14.62 -29.10
CA GLU B 215 4.10 14.16 -27.73
C GLU B 215 3.77 15.27 -26.72
N GLY B 216 4.68 16.22 -26.52
CA GLY B 216 4.51 17.28 -25.50
C GLY B 216 4.89 16.84 -24.10
N GLU B 217 4.60 17.68 -23.11
CA GLU B 217 4.95 17.36 -21.73
C GLU B 217 3.75 16.77 -21.00
N LYS B 218 4.03 15.88 -20.05
CA LYS B 218 3.00 15.13 -19.34
C LYS B 218 2.31 15.96 -18.26
N ASP B 219 1.77 17.11 -18.69
CA ASP B 219 1.16 18.11 -17.82
C ASP B 219 0.06 18.84 -18.60
N PRO B 220 -1.01 19.29 -17.93
CA PRO B 220 -2.08 20.04 -18.62
C PRO B 220 -1.57 21.32 -19.28
N GLU B 221 -0.53 21.90 -18.69
CA GLU B 221 0.08 23.14 -19.18
C GLU B 221 1.12 22.91 -20.29
N SER B 222 0.77 22.16 -21.33
CA SER B 222 1.66 21.97 -22.49
C SER B 222 0.89 21.75 -23.81
N SER B 223 1.55 21.21 -24.83
CA SER B 223 0.88 20.97 -26.13
C SER B 223 1.30 19.67 -26.83
N GLY B 224 0.33 18.77 -27.00
CA GLY B 224 0.57 17.44 -27.57
C GLY B 224 -0.40 16.45 -26.95
N ILE B 225 -0.39 15.21 -27.45
CA ILE B 225 -1.30 14.16 -26.96
C ILE B 225 -1.14 13.80 -25.48
N TYR B 226 0.11 13.84 -24.99
CA TYR B 226 0.41 13.61 -23.57
C TYR B 226 -0.24 14.69 -22.70
N SER B 227 -0.08 15.95 -23.12
CA SER B 227 -0.61 17.10 -22.41
C SER B 227 -2.14 17.13 -22.41
N LEU B 228 -2.71 16.82 -23.57
CA LEU B 228 -4.16 16.73 -23.73
C LEU B 228 -4.78 15.75 -22.72
N TRP B 229 -4.21 14.54 -22.65
CA TRP B 229 -4.70 13.55 -21.71
C TRP B 229 -4.60 14.00 -20.25
N SER B 230 -3.50 14.67 -19.92
CA SER B 230 -3.30 15.21 -18.58
C SER B 230 -4.44 16.15 -18.15
N ARG B 231 -4.84 17.07 -19.04
CA ARG B 231 -6.02 17.90 -18.78
C ARG B 231 -7.20 17.04 -18.35
N VAL B 232 -7.56 16.05 -19.16
CA VAL B 232 -8.66 15.13 -18.86
C VAL B 232 -8.50 14.48 -17.46
N VAL B 233 -7.49 13.64 -17.32
CA VAL B 233 -7.29 12.80 -16.11
C VAL B 233 -7.34 13.57 -14.78
N VAL B 234 -6.81 14.79 -14.80
CA VAL B 234 -6.79 15.67 -13.63
C VAL B 234 -8.21 16.09 -13.21
N ASN B 235 -9.14 16.08 -14.17
CA ASN B 235 -10.55 16.44 -13.92
C ASN B 235 -11.45 15.33 -13.37
N ILE B 236 -11.06 14.08 -13.60
CA ILE B 236 -11.78 12.92 -13.06
C ILE B 236 -11.52 12.88 -11.56
N GLU B 237 -12.59 12.91 -10.77
CA GLU B 237 -12.51 12.77 -9.33
C GLU B 237 -11.99 11.38 -8.96
N TYR B 238 -11.16 11.31 -7.93
CA TYR B 238 -10.68 10.04 -7.40
C TYR B 238 -11.81 9.26 -6.73
N ASP B 239 -11.90 7.97 -7.07
CA ASP B 239 -12.96 7.09 -6.57
C ASP B 239 -12.30 6.03 -5.67
N GLU B 240 -12.28 6.29 -4.36
CA GLU B 240 -11.53 5.42 -3.45
C GLU B 240 -12.13 4.02 -3.26
N ARG B 241 -13.34 3.81 -3.78
CA ARG B 241 -14.00 2.51 -3.68
C ARG B 241 -13.49 1.52 -4.73
N THR B 242 -13.49 1.94 -6.00
CA THR B 242 -12.99 1.09 -7.09
C THR B 242 -11.50 0.78 -6.94
N ALA B 243 -10.73 1.74 -6.40
CA ALA B 243 -9.31 1.54 -6.10
C ALA B 243 -9.18 0.31 -5.20
N LYS B 244 -9.92 0.33 -4.10
CA LYS B 244 -9.98 -0.80 -3.18
C LYS B 244 -10.32 -2.12 -3.90
N ARG B 245 -11.40 -2.12 -4.66
CA ARG B 245 -11.84 -3.32 -5.38
C ARG B 245 -10.73 -3.89 -6.27
N HIS B 246 -10.16 -3.03 -7.14
CA HIS B 246 -9.03 -3.36 -8.00
C HIS B 246 -7.85 -3.99 -7.25
N VAL B 247 -7.52 -3.43 -6.09
CA VAL B 247 -6.39 -3.90 -5.29
C VAL B 247 -6.55 -5.33 -4.78
N LYS B 248 -7.74 -5.67 -4.31
CA LYS B 248 -7.98 -7.04 -3.83
C LYS B 248 -8.25 -8.05 -4.94
N ARG B 249 -8.70 -7.58 -6.10
CA ARG B 249 -8.95 -8.45 -7.24
C ARG B 249 -7.71 -8.76 -8.09
N ARG B 250 -6.75 -7.85 -8.06
CA ARG B 250 -5.58 -7.89 -8.96
C ARG B 250 -4.62 -9.07 -8.68
N ASP B 251 -4.37 -9.34 -7.40
CA ASP B 251 -3.46 -10.41 -7.00
C ASP B 251 -3.86 -11.79 -7.50
N ARG B 252 -5.14 -12.14 -7.37
CA ARG B 252 -5.63 -13.47 -7.78
C ARG B 252 -5.51 -13.67 -9.28
N LEU B 253 -5.79 -12.62 -10.05
CA LEU B 253 -5.72 -12.68 -11.52
C LEU B 253 -4.32 -13.01 -12.04
N LEU B 254 -3.29 -12.46 -11.39
CA LEU B 254 -1.90 -12.71 -11.76
C LEU B 254 -1.59 -14.21 -11.73
N GLU B 255 -2.11 -14.88 -10.71
CA GLU B 255 -1.98 -16.33 -10.56
C GLU B 255 -2.80 -17.06 -11.62
N GLU B 256 -4.02 -16.57 -11.84
CA GLU B 256 -4.92 -17.15 -12.85
C GLU B 256 -4.33 -17.08 -14.26
N LEU B 257 -3.71 -15.95 -14.59
CA LEU B 257 -3.12 -15.74 -15.91
C LEU B 257 -1.90 -16.64 -16.16
N TYR B 258 -1.05 -16.78 -15.14
CA TYR B 258 0.10 -17.68 -15.20
C TYR B 258 -0.32 -19.13 -15.37
N GLU B 259 -1.40 -19.50 -14.67
CA GLU B 259 -2.01 -20.83 -14.79
C GLU B 259 -2.52 -21.08 -16.21
N HIS B 260 -3.05 -20.03 -16.84
CA HIS B 260 -3.54 -20.11 -18.22
C HIS B 260 -2.40 -20.24 -19.24
N LEU B 261 -1.26 -19.61 -18.95
CA LEU B 261 -0.07 -19.66 -19.82
C LEU B 261 0.47 -21.07 -20.00
N GLU B 262 0.75 -21.75 -18.88
CA GLU B 262 1.23 -23.13 -18.85
C GLU B 262 0.40 -24.02 -19.75
N GLU B 263 -0.90 -24.04 -19.46
CA GLU B 263 -1.89 -24.81 -20.18
C GLU B 263 -1.77 -24.63 -21.69
N LEU B 264 -1.71 -23.36 -22.12
CA LEU B 264 -1.63 -23.01 -23.53
C LEU B 264 -0.29 -23.37 -24.18
N SER B 265 0.82 -23.15 -23.45
CA SER B 265 2.15 -23.38 -24.04
C SER B 265 2.43 -24.84 -24.45
N GLU B 266 1.70 -25.79 -23.86
CA GLU B 266 1.74 -27.22 -24.22
C GLU B 266 1.46 -27.45 -25.70
N ARG B 267 0.54 -26.63 -26.22
CA ARG B 267 0.09 -26.66 -27.60
C ARG B 267 1.22 -26.47 -28.60
N TYR B 268 2.16 -25.59 -28.26
CA TYR B 268 3.19 -25.13 -29.20
C TYR B 268 4.61 -25.61 -28.91
N LEU B 269 4.78 -26.38 -27.85
CA LEU B 269 6.10 -26.85 -27.44
C LEU B 269 6.06 -28.25 -26.83
N ARG B 270 7.25 -28.76 -26.51
CA ARG B 270 7.40 -30.04 -25.82
C ARG B 270 7.68 -29.79 -24.34
N HIS B 271 8.13 -28.57 -24.05
CA HIS B 271 8.31 -28.08 -22.67
C HIS B 271 7.34 -26.94 -22.36
N PRO B 272 6.65 -27.03 -21.22
CA PRO B 272 5.69 -26.01 -20.83
C PRO B 272 6.37 -24.76 -20.28
N LEU B 273 5.71 -23.62 -20.42
CA LEU B 273 6.22 -22.35 -19.88
C LEU B 273 5.78 -22.10 -18.44
N THR B 274 6.53 -22.64 -17.48
CA THR B 274 6.26 -22.38 -16.07
C THR B 274 6.87 -21.06 -15.63
N ARG B 275 6.37 -20.54 -14.52
CA ARG B 275 6.93 -19.34 -13.87
C ARG B 275 8.42 -19.56 -13.61
N ARG B 276 8.78 -20.78 -13.25
CA ARG B 276 10.17 -21.03 -12.93
C ARG B 276 11.05 -21.06 -14.15
N TRP B 277 10.62 -21.69 -15.24
CA TRP B 277 11.44 -21.64 -16.45
C TRP B 277 11.62 -20.21 -16.95
N ILE B 278 10.60 -19.38 -16.78
CA ILE B 278 10.68 -17.97 -17.11
C ILE B 278 11.85 -17.30 -16.40
N VAL B 279 11.89 -17.37 -15.07
CA VAL B 279 12.97 -16.76 -14.31
C VAL B 279 14.32 -17.37 -14.71
N GLU B 280 14.34 -18.69 -14.89
CA GLU B 280 15.54 -19.40 -15.35
C GLU B 280 16.14 -18.80 -16.63
N HIS B 281 15.32 -18.61 -17.66
CA HIS B 281 15.86 -18.12 -18.93
C HIS B 281 15.31 -16.76 -19.35
N LYS B 282 15.40 -15.82 -18.39
CA LYS B 282 14.98 -14.43 -18.56
C LYS B 282 15.62 -13.72 -19.75
N ARG B 283 16.95 -13.68 -19.80
CA ARG B 283 17.67 -13.04 -20.91
C ARG B 283 17.19 -13.53 -22.28
N ASP B 284 17.20 -14.84 -22.47
CA ASP B 284 16.84 -15.46 -23.73
C ASP B 284 15.39 -15.21 -24.14
N ILE B 285 14.50 -15.09 -23.16
CA ILE B 285 13.08 -14.88 -23.42
C ILE B 285 12.80 -13.44 -23.87
N MET B 286 13.74 -12.55 -23.58
CA MET B 286 13.57 -11.12 -23.80
C MET B 286 14.24 -10.66 -25.10
N ARG B 287 15.32 -11.32 -25.49
CA ARG B 287 16.14 -10.86 -26.61
C ARG B 287 15.44 -11.06 -27.96
N ARG B 288 14.35 -11.81 -27.96
CA ARG B 288 13.56 -12.04 -29.17
C ARG B 288 12.80 -10.78 -29.54
N TYR B 289 12.10 -10.20 -28.57
CA TYR B 289 11.39 -8.93 -28.74
C TYR B 289 12.37 -7.80 -29.05
N LEU B 290 13.20 -7.48 -28.05
CA LEU B 290 14.27 -6.48 -28.14
C LEU B 290 14.98 -6.43 -29.51
N GLU B 291 15.40 -7.60 -30.00
CA GLU B 291 16.14 -7.71 -31.25
C GLU B 291 15.35 -7.19 -32.45
N GLN B 292 14.06 -7.50 -32.50
CA GLN B 292 13.19 -7.07 -33.59
C GLN B 292 13.04 -5.57 -33.63
N ARG B 293 12.81 -4.96 -32.48
CA ARG B 293 12.67 -3.52 -32.42
C ARG B 293 13.99 -2.75 -32.55
N ILE B 294 15.08 -3.48 -32.77
CA ILE B 294 16.37 -2.89 -33.08
C ILE B 294 16.59 -2.88 -34.61
N VAL B 295 16.27 -3.99 -35.24
CA VAL B 295 16.39 -4.12 -36.69
C VAL B 295 15.45 -3.14 -37.39
N GLU B 296 14.22 -3.07 -36.90
CA GLU B 296 13.21 -2.15 -37.45
C GLU B 296 13.74 -0.71 -37.32
N CYS B 297 14.27 -0.41 -36.14
CA CYS B 297 14.88 0.89 -35.84
C CYS B 297 16.03 1.23 -36.81
N ALA B 298 17.05 0.38 -36.83
CA ALA B 298 18.21 0.57 -37.71
C ALA B 298 17.83 0.76 -39.18
N LEU B 299 16.74 0.13 -39.64
CA LEU B 299 16.30 0.30 -41.02
C LEU B 299 15.57 1.63 -41.22
N LYS B 300 14.71 1.97 -40.26
CA LYS B 300 14.04 3.27 -40.25
C LYS B 300 15.05 4.43 -40.30
N LEU B 301 16.15 4.27 -39.58
CA LEU B 301 17.21 5.28 -39.52
C LEU B 301 17.84 5.59 -40.87
N GLN B 302 17.91 4.61 -41.77
CA GLN B 302 18.48 4.84 -43.10
C GLN B 302 17.43 5.10 -44.20
N ASP B 303 16.29 4.42 -44.10
CA ASP B 303 15.18 4.62 -45.03
C ASP B 303 14.59 6.03 -44.97
N ARG B 304 14.71 6.69 -43.81
CA ARG B 304 14.01 7.97 -43.58
C ARG B 304 14.90 9.11 -43.11
N TYR B 305 15.94 8.81 -42.34
CA TYR B 305 16.82 9.85 -41.83
C TYR B 305 18.16 9.84 -42.55
N GLY B 306 18.27 9.00 -43.57
CA GLY B 306 19.43 8.97 -44.44
C GLY B 306 20.75 8.70 -43.76
N ILE B 307 20.72 8.16 -42.54
CA ILE B 307 21.95 7.72 -41.85
C ILE B 307 22.51 6.48 -42.56
N ARG B 308 23.83 6.29 -42.48
CA ARG B 308 24.50 5.16 -43.12
C ARG B 308 24.23 3.82 -42.41
N GLU B 309 24.37 2.72 -43.16
CA GLU B 309 24.08 1.37 -42.69
C GLU B 309 24.90 0.93 -41.48
N ASP B 310 26.22 1.12 -41.54
CA ASP B 310 27.12 0.88 -40.41
C ASP B 310 26.57 1.44 -39.08
N VAL B 311 26.35 2.76 -39.05
CA VAL B 311 26.08 3.48 -37.81
C VAL B 311 24.60 3.54 -37.42
N ALA B 312 23.72 3.14 -38.34
CA ALA B 312 22.29 3.01 -38.05
C ALA B 312 22.05 1.79 -37.15
N LEU B 313 22.84 0.75 -37.41
CA LEU B 313 22.91 -0.42 -36.54
C LEU B 313 23.35 0.02 -35.16
N CYS B 314 24.34 0.91 -35.11
CA CYS B 314 24.96 1.36 -33.87
C CYS B 314 24.00 2.02 -32.89
N LEU B 315 23.28 3.04 -33.33
CA LEU B 315 22.40 3.81 -32.44
C LEU B 315 21.29 2.95 -31.84
N ALA B 316 20.62 2.15 -32.67
CA ALA B 316 19.54 1.27 -32.24
C ALA B 316 19.94 0.32 -31.10
N ARG B 317 21.16 -0.21 -31.20
CA ARG B 317 21.69 -1.18 -30.25
C ARG B 317 21.91 -0.55 -28.88
N ALA B 318 22.33 0.72 -28.87
CA ALA B 318 22.66 1.43 -27.65
C ALA B 318 21.43 1.96 -26.92
N PHE B 319 20.31 2.06 -27.62
CA PHE B 319 19.10 2.69 -27.08
C PHE B 319 17.81 1.86 -27.27
N ASP B 320 17.94 0.55 -27.07
CA ASP B 320 16.80 -0.40 -27.09
C ASP B 320 15.79 -0.20 -28.23
N GLY B 321 16.23 0.37 -29.33
CA GLY B 321 15.38 0.55 -30.51
C GLY B 321 14.36 1.66 -30.39
N SER B 322 14.60 2.60 -29.48
CA SER B 322 13.67 3.72 -29.27
C SER B 322 14.02 4.98 -30.07
N ILE B 323 13.45 5.10 -31.26
CA ILE B 323 13.55 6.32 -32.07
C ILE B 323 13.26 7.57 -31.22
N SER B 324 12.40 7.39 -30.22
CA SER B 324 11.98 8.47 -29.32
C SER B 324 13.12 8.92 -28.41
N MET B 325 13.83 7.95 -27.85
CA MET B 325 14.93 8.21 -26.96
C MET B 325 16.02 9.01 -27.67
N ILE B 326 16.64 8.39 -28.67
CA ILE B 326 17.68 9.02 -29.50
C ILE B 326 17.38 10.48 -29.88
N ALA B 327 16.13 10.75 -30.27
CA ALA B 327 15.70 12.07 -30.72
C ALA B 327 15.78 13.16 -29.66
N THR B 328 15.86 12.75 -28.39
CA THR B 328 16.03 13.70 -27.29
C THR B 328 17.29 13.40 -26.45
N THR B 329 18.41 13.15 -27.12
CA THR B 329 19.67 12.90 -26.44
C THR B 329 20.76 13.81 -27.00
N PRO B 330 21.59 14.38 -26.13
CA PRO B 330 22.80 15.14 -26.54
C PRO B 330 23.73 14.38 -27.51
N TYR B 331 24.14 15.08 -28.57
CA TYR B 331 25.10 14.59 -29.58
C TYR B 331 26.40 14.22 -28.93
N ARG B 332 26.79 15.00 -27.92
CA ARG B 332 27.86 14.63 -27.02
C ARG B 332 27.76 13.15 -26.68
N THR B 333 26.62 12.75 -26.12
CA THR B 333 26.37 11.39 -25.68
C THR B 333 26.21 10.40 -26.83
N LEU B 334 25.87 10.92 -28.01
CA LEU B 334 25.68 10.11 -29.19
C LEU B 334 27.00 9.75 -29.89
N LYS B 335 27.83 10.76 -30.17
CA LYS B 335 29.18 10.56 -30.73
C LYS B 335 30.02 9.70 -29.78
N ASP B 336 29.72 9.86 -28.49
CA ASP B 336 30.30 9.06 -27.42
C ASP B 336 30.23 7.56 -27.73
N VAL B 337 29.01 7.03 -27.85
CA VAL B 337 28.80 5.61 -28.13
C VAL B 337 29.16 5.17 -29.56
N CYS B 338 28.95 6.06 -30.53
CA CYS B 338 29.20 5.76 -31.94
C CYS B 338 30.27 6.68 -32.54
N PRO B 339 31.53 6.24 -32.53
CA PRO B 339 32.64 7.03 -33.07
C PRO B 339 32.45 7.55 -34.51
N ASP B 340 32.01 6.70 -35.42
CA ASP B 340 31.95 7.05 -36.86
C ASP B 340 30.80 8.00 -37.26
N LEU B 341 30.06 8.51 -36.27
CA LEU B 341 28.93 9.40 -36.53
C LEU B 341 29.35 10.80 -37.02
N THR B 342 28.56 11.36 -37.92
CA THR B 342 28.77 12.73 -38.41
C THR B 342 27.71 13.66 -37.81
N LEU B 343 28.12 14.89 -37.52
CA LEU B 343 27.21 15.93 -36.98
C LEU B 343 25.94 16.07 -37.80
N GLU B 344 26.06 15.83 -39.10
CA GLU B 344 24.96 16.04 -40.07
C GLU B 344 23.92 14.93 -39.97
N GLU B 345 24.37 13.73 -39.60
CA GLU B 345 23.46 12.61 -39.37
C GLU B 345 22.69 12.84 -38.08
N ALA B 346 23.29 13.60 -37.17
CA ALA B 346 22.66 13.93 -35.88
C ALA B 346 21.60 15.02 -36.00
N LYS B 347 21.81 15.94 -36.94
CA LYS B 347 20.83 16.98 -37.23
C LYS B 347 19.62 16.36 -37.92
N SER B 348 19.83 15.20 -38.53
CA SER B 348 18.79 14.47 -39.26
C SER B 348 17.79 13.80 -38.31
N VAL B 349 18.28 13.16 -37.25
CA VAL B 349 17.42 12.52 -36.26
C VAL B 349 16.90 13.50 -35.22
N ASN B 350 17.82 14.07 -34.45
CA ASN B 350 17.48 15.09 -33.48
C ASN B 350 17.09 16.38 -34.19
N ARG B 351 15.78 16.62 -34.28
CA ARG B 351 15.23 17.86 -34.83
C ARG B 351 15.51 19.04 -33.90
N THR B 352 15.52 18.77 -32.60
CA THR B 352 15.85 19.77 -31.58
C THR B 352 17.31 20.23 -31.72
N LEU B 353 18.18 19.33 -32.17
CA LEU B 353 19.55 19.71 -32.50
C LEU B 353 19.61 20.46 -33.84
N ALA B 354 18.68 20.15 -34.73
CA ALA B 354 18.61 20.81 -36.03
C ALA B 354 18.12 22.26 -35.88
N THR B 355 16.85 22.42 -35.49
CA THR B 355 16.26 23.74 -35.33
C THR B 355 16.79 24.50 -34.11
N LEU B 356 18.03 24.22 -33.71
CA LEU B 356 18.74 25.05 -32.75
C LEU B 356 19.93 25.77 -33.38
N ILE B 357 20.65 25.07 -34.25
CA ILE B 357 21.79 25.68 -34.94
C ILE B 357 21.33 26.27 -36.26
N ASP B 358 20.71 25.44 -37.10
CA ASP B 358 20.30 25.84 -38.45
C ASP B 358 19.37 27.06 -38.45
N GLU B 359 18.56 27.17 -37.41
CA GLU B 359 17.62 28.30 -37.26
C GLU B 359 18.09 29.32 -36.23
N HIS B 360 18.36 28.87 -35.01
CA HIS B 360 18.68 29.78 -33.91
C HIS B 360 20.17 30.07 -33.81
N GLY B 361 20.95 29.55 -34.75
CA GLY B 361 22.38 29.85 -34.86
C GLY B 361 23.19 29.63 -33.60
N LEU B 362 22.83 28.61 -32.84
CA LEU B 362 23.49 28.36 -31.56
C LEU B 362 24.70 27.45 -31.74
N SER B 363 25.68 27.61 -30.85
CA SER B 363 26.90 26.82 -30.86
C SER B 363 26.56 25.35 -30.57
N PRO B 364 27.05 24.45 -31.41
CA PRO B 364 26.84 23.01 -31.24
C PRO B 364 26.67 22.56 -29.78
N ASP B 365 27.67 22.81 -28.92
CA ASP B 365 27.63 22.27 -27.56
C ASP B 365 26.66 22.97 -26.60
N ALA B 366 26.31 24.22 -26.89
CA ALA B 366 25.28 24.94 -26.12
C ALA B 366 24.00 24.10 -26.02
N ALA B 367 23.56 23.58 -27.18
CA ALA B 367 22.41 22.69 -27.29
C ALA B 367 22.38 21.58 -26.24
N ASP B 368 23.49 20.84 -26.15
CA ASP B 368 23.60 19.69 -25.24
C ASP B 368 23.17 20.02 -23.81
N GLU B 369 23.55 21.21 -23.34
CA GLU B 369 23.07 21.72 -22.05
C GLU B 369 21.55 21.76 -21.98
N LEU B 370 20.93 22.44 -22.95
CA LEU B 370 19.47 22.60 -22.99
C LEU B 370 18.73 21.27 -23.13
N ILE B 371 19.20 20.42 -24.05
CA ILE B 371 18.64 19.08 -24.25
C ILE B 371 18.71 18.28 -22.95
N GLU B 372 19.88 18.30 -22.32
CA GLU B 372 20.08 17.53 -21.09
C GLU B 372 19.14 17.97 -19.97
N HIS B 373 18.85 19.28 -19.91
CA HIS B 373 17.97 19.80 -18.86
C HIS B 373 16.51 19.80 -19.26
N PHE B 374 16.22 20.24 -20.49
CA PHE B 374 14.82 20.50 -20.90
C PHE B 374 14.24 19.49 -21.90
N GLU B 375 15.06 18.53 -22.32
CA GLU B 375 14.66 17.42 -23.20
C GLU B 375 14.44 17.77 -24.69
N SER B 376 13.68 18.83 -24.95
CA SER B 376 13.26 19.20 -26.31
C SER B 376 12.78 20.64 -26.37
N ILE B 377 12.47 21.12 -27.58
CA ILE B 377 11.94 22.47 -27.77
C ILE B 377 10.73 22.72 -26.87
N ALA B 378 9.82 21.74 -26.85
CA ALA B 378 8.59 21.85 -26.06
C ALA B 378 8.84 21.94 -24.55
N GLY B 379 9.93 21.31 -24.09
CA GLY B 379 10.29 21.32 -22.67
C GLY B 379 10.75 22.68 -22.22
N ILE B 380 11.48 23.37 -23.08
CA ILE B 380 11.90 24.75 -22.85
C ILE B 380 10.68 25.66 -22.69
N LEU B 381 9.74 25.56 -23.64
CA LEU B 381 8.54 26.37 -23.65
C LEU B 381 7.59 26.11 -22.46
N ALA B 382 7.73 24.94 -21.84
CA ALA B 382 6.86 24.54 -20.73
C ALA B 382 7.37 24.93 -19.34
N THR B 383 8.64 25.33 -19.23
CA THR B 383 9.26 25.65 -17.94
C THR B 383 9.30 27.15 -17.63
N ASP B 384 8.96 27.50 -16.37
CA ASP B 384 8.95 28.89 -15.91
C ASP B 384 10.28 29.61 -16.12
N LEU B 385 10.21 30.81 -16.67
CA LEU B 385 11.37 31.65 -16.91
C LEU B 385 12.19 31.86 -15.64
N GLU B 386 11.51 31.99 -14.51
CA GLU B 386 12.19 32.18 -13.23
C GLU B 386 12.83 30.88 -12.72
N GLU B 387 12.37 29.75 -13.24
CA GLU B 387 12.98 28.46 -12.91
C GLU B 387 14.33 28.35 -13.61
N ILE B 388 14.39 28.84 -14.85
CA ILE B 388 15.62 28.87 -15.63
C ILE B 388 16.60 29.90 -15.06
N GLU B 389 16.07 30.85 -14.29
CA GLU B 389 16.91 31.81 -13.58
C GLU B 389 17.71 31.09 -12.50
N ARG B 390 17.04 30.21 -11.77
CA ARG B 390 17.66 29.40 -10.71
C ARG B 390 18.86 28.58 -11.20
N MET B 391 18.63 27.74 -12.21
CA MET B 391 19.69 26.86 -12.76
C MET B 391 20.96 27.62 -13.07
N TYR B 392 20.80 28.76 -13.75
CA TYR B 392 21.90 29.63 -14.07
C TYR B 392 22.55 30.20 -12.82
N GLU B 393 21.74 30.66 -11.87
CA GLU B 393 22.23 31.27 -10.63
C GLU B 393 22.96 30.34 -9.66
N GLU B 394 23.03 29.05 -10.00
CA GLU B 394 23.71 28.05 -9.18
C GLU B 394 24.96 27.53 -9.87
N GLY B 395 25.19 28.00 -11.10
CA GLY B 395 26.28 27.48 -11.92
C GLY B 395 25.97 26.10 -12.46
N ARG B 396 24.74 25.93 -12.99
CA ARG B 396 24.30 24.67 -13.57
C ARG B 396 23.91 24.86 -15.05
N LEU B 397 24.09 26.07 -15.55
CA LEU B 397 23.68 26.44 -16.90
C LEU B 397 24.57 27.60 -17.35
N SER B 398 25.32 27.41 -18.43
CA SER B 398 26.27 28.43 -18.90
C SER B 398 25.56 29.64 -19.49
N GLU B 399 26.28 30.76 -19.59
CA GLU B 399 25.75 31.99 -20.18
C GLU B 399 25.14 31.75 -21.55
N GLU B 400 25.78 30.89 -22.35
CA GLU B 400 25.29 30.54 -23.69
C GLU B 400 23.88 29.95 -23.61
N ALA B 401 23.77 28.81 -22.94
CA ALA B 401 22.50 28.10 -22.83
C ALA B 401 21.37 28.99 -22.32
N TYR B 402 21.61 29.63 -21.18
CA TYR B 402 20.60 30.49 -20.53
C TYR B 402 20.09 31.61 -21.47
N ARG B 403 21.00 32.36 -22.09
CA ARG B 403 20.63 33.47 -22.99
C ARG B 403 19.69 33.06 -24.12
N ALA B 404 19.91 31.87 -24.68
CA ALA B 404 19.12 31.35 -25.78
C ALA B 404 17.72 30.94 -25.33
N ALA B 405 17.63 30.38 -24.13
CA ALA B 405 16.35 29.95 -23.55
C ALA B 405 15.36 31.10 -23.44
N VAL B 406 15.88 32.29 -23.13
CA VAL B 406 15.09 33.51 -23.11
C VAL B 406 14.60 33.81 -24.52
N GLU B 407 15.51 33.71 -25.49
CA GLU B 407 15.24 34.04 -26.89
C GLU B 407 14.17 33.15 -27.52
N ILE B 408 14.29 31.85 -27.30
CA ILE B 408 13.32 30.87 -27.80
C ILE B 408 11.91 31.22 -27.33
N GLN B 409 11.78 31.43 -26.01
CA GLN B 409 10.50 31.81 -25.41
C GLN B 409 9.92 33.10 -25.99
N LEU B 410 10.79 34.06 -26.30
CA LEU B 410 10.38 35.33 -26.88
C LEU B 410 9.83 35.17 -28.28
N ALA B 411 10.63 34.54 -29.15
CA ALA B 411 10.26 34.30 -30.54
C ALA B 411 8.92 33.58 -30.65
N GLU B 412 8.65 32.69 -29.70
CA GLU B 412 7.40 31.94 -29.69
C GLU B 412 6.19 32.84 -29.87
N LEU B 413 6.19 33.96 -29.17
CA LEU B 413 5.09 34.91 -29.27
C LEU B 413 5.27 35.86 -30.45
N THR B 414 6.52 36.23 -30.69
CA THR B 414 6.86 37.24 -31.71
C THR B 414 6.60 36.76 -33.14
N LYS B 415 6.92 35.49 -33.41
CA LYS B 415 6.72 34.90 -34.74
C LYS B 415 5.27 35.09 -35.20
N LYS B 416 4.32 34.81 -34.32
CA LYS B 416 2.92 35.05 -34.59
C LYS B 416 2.79 36.53 -34.95
N GLU B 417 2.25 36.80 -36.14
CA GLU B 417 2.35 38.11 -36.76
C GLU B 417 1.94 39.27 -35.85
N GLY B 418 0.92 39.04 -35.02
CA GLY B 418 0.36 40.09 -34.17
C GLY B 418 1.29 40.65 -33.11
N VAL B 419 1.97 39.78 -32.37
CA VAL B 419 2.64 40.18 -31.12
C VAL B 419 4.03 40.81 -31.28
N GLY B 420 4.24 41.92 -30.59
CA GLY B 420 5.48 42.68 -30.65
C GLY B 420 6.53 42.30 -29.63
N ARG B 421 7.31 43.28 -29.22
CA ARG B 421 8.61 43.07 -28.55
C ARG B 421 8.55 43.01 -27.02
N LYS B 422 8.07 44.09 -26.39
CA LYS B 422 8.01 44.19 -24.94
C LYS B 422 6.69 43.65 -24.38
N THR B 423 5.69 43.50 -25.26
CA THR B 423 4.44 42.82 -24.91
C THR B 423 4.75 41.34 -24.67
N ALA B 424 5.60 40.79 -25.52
CA ALA B 424 6.15 39.46 -25.31
C ALA B 424 6.78 39.34 -23.92
N GLU B 425 7.36 40.43 -23.45
CA GLU B 425 8.01 40.46 -22.13
C GLU B 425 7.02 40.56 -20.97
N ARG B 426 5.99 41.38 -21.13
CA ARG B 426 5.00 41.55 -20.07
C ARG B 426 4.19 40.27 -19.85
N LEU B 427 3.77 39.65 -20.95
CA LEU B 427 3.06 38.37 -20.90
C LEU B 427 3.87 37.30 -20.20
N LEU B 428 5.16 37.24 -20.52
CA LEU B 428 6.07 36.26 -19.91
C LEU B 428 6.23 36.50 -18.42
N ARG B 429 6.15 37.76 -18.01
CA ARG B 429 6.26 38.12 -16.60
C ARG B 429 4.94 37.87 -15.86
N ALA B 430 3.83 38.11 -16.55
CA ALA B 430 2.51 37.95 -15.96
C ALA B 430 2.11 36.48 -15.73
N PHE B 431 2.62 35.57 -16.55
CA PHE B 431 2.18 34.17 -16.54
C PHE B 431 3.29 33.11 -16.50
N GLY B 432 4.55 33.53 -16.60
CA GLY B 432 5.68 32.62 -16.50
C GLY B 432 6.26 32.13 -17.82
N ASN B 433 5.43 31.53 -18.66
CA ASN B 433 5.89 30.91 -19.92
C ASN B 433 4.83 30.83 -21.03
N PRO B 434 5.28 30.77 -22.29
CA PRO B 434 4.36 30.75 -23.44
C PRO B 434 3.30 29.65 -23.48
N GLU B 435 3.57 28.51 -22.84
CA GLU B 435 2.60 27.42 -22.83
C GLU B 435 1.45 27.70 -21.86
N ARG B 436 1.74 28.43 -20.79
CA ARG B 436 0.71 28.93 -19.88
C ARG B 436 -0.23 29.89 -20.63
N VAL B 437 0.36 30.68 -21.51
CA VAL B 437 -0.40 31.58 -22.37
C VAL B 437 -1.30 30.76 -23.30
N LYS B 438 -0.70 29.80 -24.00
CA LYS B 438 -1.41 28.93 -24.93
C LYS B 438 -2.63 28.25 -24.30
N GLN B 439 -2.48 27.83 -23.04
CA GLN B 439 -3.53 27.14 -22.31
C GLN B 439 -4.71 28.06 -22.04
N LEU B 440 -4.42 29.32 -21.71
CA LEU B 440 -5.47 30.29 -21.44
C LEU B 440 -6.15 30.75 -22.74
N ALA B 441 -5.44 30.56 -23.85
CA ALA B 441 -5.98 30.87 -25.19
C ALA B 441 -7.05 29.88 -25.60
N ARG B 442 -6.84 28.60 -25.31
CA ARG B 442 -7.86 27.59 -25.61
C ARG B 442 -8.88 27.40 -24.49
N GLU B 443 -8.59 27.91 -23.29
CA GLU B 443 -9.57 27.96 -22.21
C GLU B 443 -10.67 29.00 -22.51
N PHE B 444 -10.31 29.99 -23.33
CA PHE B 444 -11.18 31.10 -23.73
C PHE B 444 -11.40 32.10 -22.58
N GLU B 445 -10.32 32.42 -21.88
CA GLU B 445 -10.35 33.36 -20.75
C GLU B 445 -10.00 34.77 -21.20
N ILE B 446 -11.02 35.58 -21.45
CA ILE B 446 -10.81 36.94 -21.93
C ILE B 446 -10.49 37.91 -20.79
N GLU B 447 -11.34 37.91 -19.75
CA GLU B 447 -11.16 38.76 -18.57
C GLU B 447 -9.73 38.66 -18.00
N LYS B 448 -9.22 37.43 -17.83
CA LYS B 448 -7.90 37.19 -17.25
C LYS B 448 -6.75 37.64 -18.16
N LEU B 449 -6.82 37.27 -19.44
CA LEU B 449 -5.77 37.57 -20.39
C LEU B 449 -5.68 39.06 -20.68
N ALA B 450 -6.83 39.74 -20.65
CA ALA B 450 -6.89 41.17 -20.92
C ALA B 450 -6.85 42.02 -19.66
N SER B 451 -6.58 41.39 -18.53
CA SER B 451 -6.34 42.13 -17.29
C SER B 451 -4.87 42.55 -17.17
N VAL B 452 -4.13 42.37 -18.26
CA VAL B 452 -2.71 42.73 -18.32
C VAL B 452 -2.52 43.96 -19.23
N GLU B 453 -1.83 44.97 -18.70
CA GLU B 453 -1.48 46.14 -19.50
C GLU B 453 -0.39 45.77 -20.51
N GLY B 454 -0.65 46.10 -21.77
CA GLY B 454 0.16 45.59 -22.87
C GLY B 454 -0.66 44.62 -23.70
N VAL B 455 -1.84 44.29 -23.19
CA VAL B 455 -2.73 43.34 -23.86
C VAL B 455 -4.10 43.97 -24.12
N GLY B 456 -4.41 44.14 -25.40
CA GLY B 456 -5.69 44.67 -25.84
C GLY B 456 -6.31 43.79 -26.92
N GLU B 457 -7.30 44.32 -27.62
CA GLU B 457 -8.13 43.53 -28.53
C GLU B 457 -7.52 43.23 -29.91
N ARG B 458 -6.36 43.80 -30.22
CA ARG B 458 -5.61 43.42 -31.42
C ARG B 458 -4.67 42.26 -31.10
N VAL B 459 -4.22 42.20 -29.86
CA VAL B 459 -3.33 41.15 -29.40
C VAL B 459 -4.13 39.86 -29.22
N LEU B 460 -5.28 39.99 -28.55
CA LEU B 460 -6.19 38.87 -28.31
C LEU B 460 -6.59 38.18 -29.60
N ARG B 461 -7.05 38.97 -30.57
CA ARG B 461 -7.44 38.46 -31.90
C ARG B 461 -6.36 37.60 -32.56
N SER B 462 -5.10 37.97 -32.35
CA SER B 462 -3.98 37.25 -32.93
C SER B 462 -3.54 36.04 -32.10
N LEU B 463 -4.15 35.87 -30.92
CA LEU B 463 -3.72 34.84 -29.97
C LEU B 463 -4.71 33.68 -29.75
N VAL B 464 -6.01 33.98 -29.81
CA VAL B 464 -7.04 32.99 -29.50
C VAL B 464 -7.61 32.32 -30.76
N PRO B 465 -7.85 31.00 -30.71
CA PRO B 465 -8.57 30.30 -31.77
C PRO B 465 -9.85 31.03 -32.21
N GLY B 466 -9.88 31.46 -33.47
CA GLY B 466 -11.05 32.09 -34.09
C GLY B 466 -11.80 33.07 -33.22
N TYR B 467 -11.06 33.91 -32.50
CA TYR B 467 -11.65 34.95 -31.67
C TYR B 467 -12.09 36.12 -32.52
N ALA B 468 -11.30 36.43 -33.55
CA ALA B 468 -11.59 37.51 -34.48
C ALA B 468 -12.99 37.32 -35.06
N SER B 469 -13.26 36.10 -35.51
CA SER B 469 -14.48 35.73 -36.24
C SER B 469 -15.79 36.13 -35.55
N LEU B 470 -15.85 36.02 -34.23
CA LEU B 470 -17.07 36.31 -33.48
C LEU B 470 -17.35 37.79 -33.28
N ILE B 471 -16.39 38.54 -32.73
CA ILE B 471 -16.57 39.96 -32.43
C ILE B 471 -16.85 40.78 -33.69
N SER B 472 -16.17 40.41 -34.78
CA SER B 472 -16.31 41.10 -36.08
C SER B 472 -17.72 41.07 -36.68
N ILE B 473 -18.52 40.06 -36.32
CA ILE B 473 -19.96 40.07 -36.62
C ILE B 473 -20.62 41.05 -35.66
N ARG B 474 -21.46 41.95 -36.19
CA ARG B 474 -22.14 42.92 -35.34
C ARG B 474 -23.24 42.29 -34.49
N GLY B 475 -23.13 42.52 -33.17
CA GLY B 475 -24.01 41.91 -32.19
C GLY B 475 -23.20 41.25 -31.08
N ILE B 476 -22.07 40.66 -31.46
CA ILE B 476 -21.22 39.89 -30.54
C ILE B 476 -20.14 40.76 -29.87
N ASP B 477 -20.12 40.74 -28.54
CA ASP B 477 -19.15 41.50 -27.74
C ASP B 477 -18.35 40.59 -26.81
N ARG B 478 -17.38 41.18 -26.11
CA ARG B 478 -16.47 40.46 -25.22
C ARG B 478 -17.08 39.26 -24.49
N GLU B 479 -18.14 39.52 -23.71
CA GLU B 479 -18.71 38.49 -22.85
C GLU B 479 -19.55 37.44 -23.59
N ARG B 480 -20.47 37.88 -24.44
CA ARG B 480 -21.29 36.92 -25.21
C ARG B 480 -20.51 36.29 -26.37
N ALA B 481 -19.21 36.56 -26.41
CA ALA B 481 -18.31 35.86 -27.33
C ALA B 481 -17.47 34.86 -26.56
N GLU B 482 -17.47 35.00 -25.23
CA GLU B 482 -16.79 34.07 -24.34
C GLU B 482 -17.70 32.88 -24.05
N ARG B 483 -18.98 33.16 -23.76
CA ARG B 483 -19.99 32.13 -23.53
C ARG B 483 -20.14 31.18 -24.71
N LEU B 484 -20.18 31.76 -25.92
CA LEU B 484 -20.35 30.99 -27.16
C LEU B 484 -19.14 30.13 -27.52
N LEU B 485 -17.96 30.60 -27.16
CA LEU B 485 -16.74 29.80 -27.34
C LEU B 485 -16.65 28.67 -26.32
N LYS B 486 -17.21 28.89 -25.14
CA LYS B 486 -17.12 27.93 -24.03
C LYS B 486 -18.25 26.90 -24.03
N LYS B 487 -19.43 27.32 -24.47
CA LYS B 487 -20.57 26.43 -24.59
C LYS B 487 -20.31 25.36 -25.64
N TYR B 488 -19.60 25.75 -26.71
CA TYR B 488 -19.38 24.89 -27.85
C TYR B 488 -17.96 24.34 -27.90
N GLY B 489 -17.04 25.04 -27.25
CA GLY B 489 -15.63 24.66 -27.25
C GLY B 489 -15.02 24.75 -28.63
N GLY B 490 -14.73 25.97 -29.07
CA GLY B 490 -14.07 26.20 -30.37
C GLY B 490 -14.95 26.82 -31.44
N TYR B 491 -14.32 27.57 -32.33
CA TYR B 491 -14.99 28.33 -33.40
C TYR B 491 -15.67 27.45 -34.46
N SER B 492 -15.07 26.30 -34.77
CA SER B 492 -15.66 25.35 -35.70
C SER B 492 -17.00 24.83 -35.18
N LYS B 493 -16.99 24.34 -33.93
CA LYS B 493 -18.19 23.80 -33.29
C LYS B 493 -19.34 24.79 -33.24
N VAL B 494 -19.01 26.08 -33.18
CA VAL B 494 -20.01 27.14 -33.21
C VAL B 494 -20.61 27.22 -34.61
N ARG B 495 -19.74 27.30 -35.61
CA ARG B 495 -20.11 27.50 -37.00
C ARG B 495 -20.90 26.33 -37.60
N GLU B 496 -20.71 25.15 -37.03
CA GLU B 496 -21.37 23.94 -37.56
C GLU B 496 -22.58 23.55 -36.71
N ALA B 497 -23.01 24.47 -35.86
CA ALA B 497 -24.21 24.25 -35.05
C ALA B 497 -25.47 24.28 -35.91
N GLY B 498 -26.45 23.48 -35.51
CA GLY B 498 -27.79 23.53 -36.10
C GLY B 498 -28.49 24.84 -35.76
N VAL B 499 -29.37 25.27 -36.66
CA VAL B 499 -30.05 26.56 -36.57
C VAL B 499 -30.77 26.82 -35.23
N GLU B 500 -31.65 25.90 -34.82
CA GLU B 500 -32.51 26.13 -33.65
C GLU B 500 -31.75 26.36 -32.33
N GLU B 501 -30.57 25.77 -32.22
CA GLU B 501 -29.72 25.91 -31.05
C GLU B 501 -29.02 27.27 -31.01
N LEU B 502 -28.69 27.80 -32.19
CA LEU B 502 -28.09 29.13 -32.30
C LEU B 502 -29.11 30.22 -31.96
N ARG B 503 -30.37 29.98 -32.32
CA ARG B 503 -31.47 30.85 -31.94
C ARG B 503 -31.68 30.84 -30.43
N GLU B 504 -31.43 29.68 -29.82
CA GLU B 504 -31.44 29.51 -28.36
C GLU B 504 -30.57 30.53 -27.63
N ASP B 505 -29.44 30.87 -28.23
CA ASP B 505 -28.45 31.72 -27.61
C ASP B 505 -28.56 33.19 -28.04
N GLY B 506 -29.72 33.54 -28.58
CA GLY B 506 -30.02 34.93 -28.98
C GLY B 506 -29.73 35.27 -30.43
N LEU B 507 -28.92 34.43 -31.09
CA LEU B 507 -28.54 34.62 -32.49
C LEU B 507 -29.72 34.76 -33.44
N THR B 508 -29.59 35.65 -34.42
CA THR B 508 -30.62 35.92 -35.42
C THR B 508 -30.26 35.30 -36.76
N ASP B 509 -31.28 35.04 -37.59
CA ASP B 509 -31.09 34.55 -38.95
C ASP B 509 -29.97 35.31 -39.67
N ALA B 510 -29.92 36.64 -39.47
CA ALA B 510 -28.93 37.51 -40.11
C ALA B 510 -27.51 37.18 -39.67
N GLN B 511 -27.34 37.01 -38.35
CA GLN B 511 -26.03 36.71 -37.76
C GLN B 511 -25.51 35.32 -38.15
N ILE B 512 -26.40 34.34 -38.18
CA ILE B 512 -26.07 32.96 -38.57
C ILE B 512 -25.60 32.91 -40.03
N ARG B 513 -26.19 33.77 -40.87
CA ARG B 513 -25.82 33.86 -42.28
C ARG B 513 -24.37 34.31 -42.43
N GLU B 514 -23.99 35.32 -41.65
CA GLU B 514 -22.63 35.88 -41.72
C GLU B 514 -21.61 34.87 -41.18
N LEU B 515 -22.00 34.17 -40.11
CA LEU B 515 -21.20 33.13 -39.46
C LEU B 515 -20.86 32.00 -40.43
N LYS B 516 -21.89 31.46 -41.07
CA LYS B 516 -21.72 30.45 -42.11
C LYS B 516 -21.17 31.10 -43.39
N GLY B 517 -21.57 32.34 -43.63
CA GLY B 517 -21.05 33.13 -44.74
C GLY B 517 -21.85 32.88 -46.01
N LEU B 518 -23.06 33.43 -46.06
CA LEU B 518 -23.95 33.22 -47.19
C LEU B 518 -24.38 34.53 -47.85
#